data_6YQ7
#
_entry.id   6YQ7
#
_cell.length_a   65.230
_cell.length_b   103.113
_cell.length_c   75.229
_cell.angle_alpha   90.000
_cell.angle_beta   103.580
_cell.angle_gamma   90.000
#
_symmetry.space_group_name_H-M   'P 1 21 1'
#
loop_
_entity.id
_entity.type
_entity.pdbx_description
1 polymer Alpha-amylase
2 non-polymer 2-acetamido-2-deoxy-beta-D-glucopyranose
3 non-polymer 1,2-ETHANEDIOL
4 non-polymer 'CALCIUM ION'
5 water water
#
_entity_poly.entity_id   1
_entity_poly.type   'polypeptide(L)'
_entity_poly.pdbx_seq_one_letter_code
;MMVAWWSLFLYGLQVAAPALAATPADWRSQSIYFLLTDRFARTDGSTTATCNTADQKYCGGTWQGIIDKLDYIQGMGFTA
IWITPVTAQLPQTTAYGDAYHGYWQQDIYSLNENYGTADDLKALSSALHERGMYLMVDVVANHMGYDGAGSSVDYSVFKP
FSSQDYFHPFCFIQNYEDQTQVEDCWLGDNTVSLPDLDTTKDVVKNEWYDWVGSLVSNYSIDGLRIDTVKHVQKDFWPGY
NKAAGVYCIGEVLDGDPAYTCPYQNVMDGVLNYPIYYPLLNAFKSTSGSMDDLYNMINTVKSDCPDSTLLGTFVENHDNP
RFASYTNDIALAKNVAAFIILNDGIPIIYAGQEQHYAGGNDPANREATWLSGYPTDSELYKLIASANAIRNYAISKDTGF
VTYKNWPIYKDDTTIAMRKGTDGSQIVTILSNKGASGDSYTLSLSGAGYTAGQQLTEVIGCTTVTVGSDGNVPVPMAGGL
PRVLYPTEKLAGSKICSSS
;
_entity_poly.pdbx_strand_id   A,B
#
loop_
_chem_comp.id
_chem_comp.type
_chem_comp.name
_chem_comp.formula
CA non-polymer 'CALCIUM ION' 'Ca 2'
EDO non-polymer 1,2-ETHANEDIOL 'C2 H6 O2'
NAG D-saccharide, beta linking 2-acetamido-2-deoxy-beta-D-glucopyranose 'C8 H15 N O6'
#
# COMPACT_ATOMS: atom_id res chain seq x y z
N ALA A 22 17.41 -15.40 -6.57
CA ALA A 22 16.63 -15.24 -5.31
C ALA A 22 15.27 -14.61 -5.61
N THR A 23 14.26 -14.95 -4.80
CA THR A 23 12.87 -14.54 -5.06
C THR A 23 12.65 -13.12 -4.58
N PRO A 24 11.55 -12.47 -4.99
CA PRO A 24 11.19 -11.17 -4.41
C PRO A 24 11.14 -11.19 -2.88
N ALA A 25 10.60 -12.27 -2.27
CA ALA A 25 10.56 -12.36 -0.80
C ALA A 25 11.97 -12.39 -0.21
N ASP A 26 12.91 -13.07 -0.86
CA ASP A 26 14.32 -13.14 -0.43
C ASP A 26 14.94 -11.73 -0.49
N TRP A 27 14.53 -10.93 -1.48
CA TRP A 27 15.19 -9.62 -1.74
C TRP A 27 14.68 -8.53 -0.77
N ARG A 28 13.53 -8.70 -0.17
CA ARG A 28 12.96 -7.66 0.71
C ARG A 28 13.94 -7.30 1.81
N SER A 29 14.67 -8.26 2.38
N SER A 29 14.67 -8.29 2.34
CA SER A 29 15.54 -7.95 3.54
CA SER A 29 15.60 -8.15 3.50
C SER A 29 16.92 -7.42 3.11
C SER A 29 16.97 -7.60 3.09
N GLN A 30 17.17 -7.34 1.81
CA GLN A 30 18.52 -6.96 1.28
C GLN A 30 18.73 -5.44 1.37
N SER A 31 19.99 -5.03 1.26
CA SER A 31 20.42 -3.62 1.23
C SER A 31 21.50 -3.55 0.15
N ILE A 32 21.29 -2.72 -0.87
CA ILE A 32 22.10 -2.77 -2.11
C ILE A 32 23.12 -1.63 -2.12
N TYR A 33 24.34 -1.96 -2.49
CA TYR A 33 25.38 -1.00 -2.90
C TYR A 33 25.52 -1.05 -4.41
N PHE A 34 25.13 0.05 -5.05
CA PHE A 34 25.11 0.17 -6.52
C PHE A 34 26.43 0.83 -6.95
N LEU A 35 27.15 0.20 -7.87
CA LEU A 35 28.43 0.70 -8.36
C LEU A 35 28.51 0.62 -9.87
N LEU A 36 29.38 1.46 -10.44
CA LEU A 36 29.77 1.39 -11.85
C LEU A 36 31.03 0.53 -11.88
N THR A 37 30.97 -0.57 -12.58
CA THR A 37 32.15 -1.50 -12.66
C THR A 37 33.41 -0.72 -13.10
N ASP A 38 33.30 0.18 -14.07
CA ASP A 38 34.47 0.93 -14.59
C ASP A 38 35.05 1.84 -13.50
N ARG A 39 34.26 2.22 -12.49
CA ARG A 39 34.58 3.35 -11.61
C ARG A 39 34.78 2.90 -10.18
N PHE A 40 34.55 1.65 -9.82
CA PHE A 40 34.59 1.29 -8.38
C PHE A 40 36.02 0.90 -7.94
N ALA A 41 36.62 -0.09 -8.59
CA ALA A 41 37.90 -0.68 -8.13
C ALA A 41 38.66 -1.28 -9.31
N ARG A 42 39.91 -0.88 -9.45
CA ARG A 42 40.85 -1.44 -10.44
C ARG A 42 41.44 -2.75 -9.90
N THR A 43 41.87 -3.62 -10.81
CA THR A 43 42.59 -4.87 -10.43
C THR A 43 43.86 -4.53 -9.65
N ASP A 44 44.58 -3.48 -10.01
CA ASP A 44 45.85 -3.10 -9.34
C ASP A 44 45.57 -2.46 -7.98
N GLY A 45 44.30 -2.13 -7.65
CA GLY A 45 43.93 -1.53 -6.35
C GLY A 45 44.40 -0.09 -6.20
N SER A 46 44.80 0.60 -7.27
CA SER A 46 45.30 1.98 -7.18
C SER A 46 44.22 2.87 -6.55
N THR A 47 44.59 3.79 -5.66
CA THR A 47 43.67 4.83 -5.16
C THR A 47 44.07 6.17 -5.80
N THR A 48 45.00 6.17 -6.76
CA THR A 48 45.43 7.42 -7.43
C THR A 48 45.30 7.37 -8.96
N ALA A 49 44.94 6.24 -9.57
CA ALA A 49 44.81 6.16 -11.04
C ALA A 49 43.83 7.26 -11.48
N THR A 50 44.22 8.03 -12.50
CA THR A 50 43.44 9.16 -13.00
C THR A 50 42.05 8.68 -13.42
N CYS A 51 41.04 9.43 -13.04
CA CYS A 51 39.68 9.27 -13.59
C CYS A 51 39.06 10.65 -13.69
N ASN A 52 39.32 11.33 -14.80
N ASN A 52 39.29 11.34 -14.79
CA ASN A 52 38.68 12.62 -15.14
CA ASN A 52 38.68 12.67 -15.00
C ASN A 52 37.31 12.26 -15.70
C ASN A 52 37.34 12.44 -15.71
N THR A 53 36.24 12.56 -14.95
CA THR A 53 34.89 12.18 -15.41
C THR A 53 34.57 12.88 -16.73
N ALA A 54 35.10 14.10 -16.96
CA ALA A 54 34.79 14.90 -18.17
C ALA A 54 35.32 14.19 -19.43
N ASP A 55 36.32 13.33 -19.30
CA ASP A 55 36.92 12.55 -20.43
C ASP A 55 35.92 11.51 -20.93
N GLN A 56 35.06 10.99 -20.04
CA GLN A 56 34.01 9.98 -20.35
C GLN A 56 34.68 8.74 -20.96
N LYS A 57 35.86 8.38 -20.46
CA LYS A 57 36.59 7.20 -20.97
C LYS A 57 36.65 6.10 -19.92
N TYR A 58 36.96 4.88 -20.33
CA TYR A 58 37.25 3.79 -19.38
C TYR A 58 38.38 4.25 -18.47
N CYS A 59 38.19 4.11 -17.17
CA CYS A 59 39.18 4.47 -16.12
C CYS A 59 39.80 3.17 -15.57
N GLY A 60 39.20 2.02 -15.87
CA GLY A 60 39.82 0.69 -15.66
C GLY A 60 39.31 -0.09 -14.48
N GLY A 61 38.13 0.23 -13.94
CA GLY A 61 37.52 -0.66 -12.94
C GLY A 61 37.17 -2.02 -13.49
N THR A 62 37.27 -3.07 -12.68
CA THR A 62 37.07 -4.46 -13.13
C THR A 62 36.25 -5.25 -12.11
N TRP A 63 35.77 -6.44 -12.48
CA TRP A 63 35.09 -7.40 -11.59
C TRP A 63 36.06 -7.91 -10.54
N GLN A 64 37.31 -8.13 -10.90
CA GLN A 64 38.29 -8.57 -9.86
C GLN A 64 38.48 -7.43 -8.85
N GLY A 65 38.45 -6.19 -9.33
CA GLY A 65 38.60 -5.02 -8.45
C GLY A 65 37.54 -5.04 -7.36
N ILE A 66 36.29 -5.29 -7.73
CA ILE A 66 35.15 -5.38 -6.80
C ILE A 66 35.42 -6.46 -5.76
N ILE A 67 35.87 -7.63 -6.18
CA ILE A 67 36.13 -8.78 -5.27
C ILE A 67 37.08 -8.29 -4.19
N ASP A 68 38.12 -7.54 -4.57
CA ASP A 68 39.22 -7.19 -3.63
C ASP A 68 38.66 -6.23 -2.58
N LYS A 69 37.59 -5.46 -2.90
CA LYS A 69 37.03 -4.44 -1.97
C LYS A 69 35.72 -4.89 -1.33
N LEU A 70 35.36 -6.17 -1.36
CA LEU A 70 34.10 -6.63 -0.74
C LEU A 70 34.08 -6.36 0.76
N ASP A 71 35.22 -6.33 1.47
CA ASP A 71 35.23 -6.00 2.91
C ASP A 71 34.77 -4.56 3.10
N TYR A 72 35.16 -3.67 2.21
CA TYR A 72 34.80 -2.24 2.30
C TYR A 72 33.28 -2.15 2.20
N ILE A 73 32.69 -2.84 1.23
CA ILE A 73 31.22 -2.75 1.02
C ILE A 73 30.50 -3.41 2.18
N GLN A 74 30.93 -4.61 2.58
CA GLN A 74 30.18 -5.38 3.60
C GLN A 74 30.35 -4.67 4.94
N GLY A 75 31.43 -3.91 5.14
CA GLY A 75 31.67 -3.13 6.36
C GLY A 75 30.58 -2.11 6.62
N MET A 76 29.87 -1.71 5.56
CA MET A 76 28.75 -0.74 5.70
C MET A 76 27.43 -1.49 5.95
N GLY A 77 27.45 -2.82 5.98
CA GLY A 77 26.25 -3.63 6.31
C GLY A 77 25.38 -3.87 5.09
N PHE A 78 25.91 -3.61 3.90
CA PHE A 78 25.20 -4.01 2.67
C PHE A 78 25.20 -5.55 2.51
N THR A 79 24.13 -6.08 1.92
CA THR A 79 23.98 -7.56 1.73
C THR A 79 24.01 -7.91 0.24
N ALA A 80 24.18 -6.91 -0.63
CA ALA A 80 24.06 -7.11 -2.07
C ALA A 80 24.75 -5.97 -2.81
N ILE A 81 25.17 -6.23 -4.03
CA ILE A 81 25.68 -5.18 -4.95
C ILE A 81 24.90 -5.24 -6.25
N TRP A 82 24.68 -4.06 -6.84
CA TRP A 82 24.14 -3.91 -8.20
C TRP A 82 25.29 -3.35 -9.06
N ILE A 83 25.68 -4.11 -10.09
CA ILE A 83 26.76 -3.71 -11.02
C ILE A 83 26.14 -3.33 -12.37
N THR A 84 26.86 -2.52 -13.12
CA THR A 84 26.39 -1.99 -14.40
C THR A 84 26.49 -3.11 -15.44
N PRO A 85 25.84 -2.94 -16.59
CA PRO A 85 25.70 -4.07 -17.50
C PRO A 85 27.01 -4.72 -17.98
N VAL A 86 26.92 -5.99 -18.35
CA VAL A 86 28.15 -6.82 -18.54
C VAL A 86 28.40 -7.16 -19.99
N THR A 87 27.49 -6.82 -20.88
CA THR A 87 27.56 -7.22 -22.30
C THR A 87 28.59 -6.39 -23.08
N ALA A 88 29.03 -6.92 -24.21
CA ALA A 88 30.04 -6.26 -25.04
C ALA A 88 29.42 -5.02 -25.69
N GLN A 89 30.18 -3.95 -25.73
CA GLN A 89 29.66 -2.58 -26.11
C GLN A 89 30.17 -2.16 -27.50
N LEU A 90 29.62 -1.08 -28.04
CA LEU A 90 30.30 -0.39 -29.16
C LEU A 90 31.74 -0.11 -28.75
N PRO A 91 32.67 -0.26 -29.73
CA PRO A 91 34.10 -0.15 -29.45
C PRO A 91 34.64 1.28 -29.43
N GLN A 92 33.94 2.21 -30.06
CA GLN A 92 34.48 3.56 -30.34
C GLN A 92 34.57 4.41 -29.07
N THR A 93 35.52 5.33 -29.07
CA THR A 93 35.42 6.56 -28.25
C THR A 93 34.54 7.50 -29.08
N THR A 94 33.27 7.59 -28.69
CA THR A 94 32.29 8.44 -29.40
C THR A 94 32.58 9.89 -29.04
N ALA A 95 31.87 10.83 -29.65
CA ALA A 95 31.95 12.24 -29.19
C ALA A 95 31.44 12.38 -27.74
N TYR A 96 30.70 11.39 -27.22
CA TYR A 96 30.24 11.34 -25.81
C TYR A 96 31.06 10.34 -25.00
N GLY A 97 32.23 9.98 -25.48
CA GLY A 97 33.12 9.06 -24.78
C GLY A 97 32.88 7.61 -25.07
N ASP A 98 33.47 6.79 -24.22
CA ASP A 98 33.48 5.32 -24.30
C ASP A 98 32.16 4.79 -23.71
N ALA A 99 31.87 3.54 -24.00
CA ALA A 99 30.75 2.80 -23.37
C ALA A 99 31.19 2.26 -21.99
N TYR A 100 31.79 3.09 -21.14
CA TYR A 100 32.37 2.63 -19.86
C TYR A 100 31.25 2.21 -18.92
N HIS A 101 30.07 2.74 -19.15
CA HIS A 101 28.88 2.57 -18.29
C HIS A 101 28.11 1.30 -18.61
N GLY A 102 28.29 0.69 -19.78
CA GLY A 102 27.63 -0.59 -20.14
C GLY A 102 26.31 -0.42 -20.85
N TYR A 103 25.84 0.79 -21.12
CA TYR A 103 24.44 0.90 -21.63
C TYR A 103 24.37 0.92 -23.14
N TRP A 104 25.48 0.72 -23.86
CA TRP A 104 25.51 0.82 -25.34
C TRP A 104 25.95 -0.54 -25.94
N GLN A 105 25.19 -1.57 -25.69
CA GLN A 105 25.63 -2.94 -26.05
C GLN A 105 25.57 -3.17 -27.56
N GLN A 106 26.43 -4.08 -28.04
CA GLN A 106 26.35 -4.55 -29.44
C GLN A 106 26.32 -6.08 -29.50
N ASP A 107 27.00 -6.80 -28.62
CA ASP A 107 27.04 -8.28 -28.70
C ASP A 107 26.66 -8.86 -27.35
N ILE A 108 25.45 -9.35 -27.22
CA ILE A 108 24.87 -9.71 -25.89
C ILE A 108 25.41 -11.08 -25.49
N TYR A 109 26.02 -11.82 -26.41
CA TYR A 109 26.62 -13.14 -26.10
C TYR A 109 28.12 -13.02 -25.82
N SER A 110 28.65 -11.81 -25.68
CA SER A 110 30.05 -11.59 -25.28
C SER A 110 30.02 -10.67 -24.08
N LEU A 111 30.96 -10.87 -23.19
CA LEU A 111 31.20 -9.92 -22.08
C LEU A 111 32.04 -8.73 -22.56
N ASN A 112 31.91 -7.63 -21.83
CA ASN A 112 32.78 -6.45 -22.00
C ASN A 112 34.16 -6.79 -21.42
N GLU A 113 35.16 -6.95 -22.28
CA GLU A 113 36.48 -7.45 -21.83
C GLU A 113 37.21 -6.39 -20.98
N ASN A 114 36.77 -5.13 -21.02
CA ASN A 114 37.30 -4.09 -20.12
C ASN A 114 37.22 -4.55 -18.68
N TYR A 115 36.19 -5.31 -18.29
CA TYR A 115 35.94 -5.60 -16.86
C TYR A 115 36.58 -6.92 -16.45
N GLY A 116 36.88 -7.76 -17.42
CA GLY A 116 37.57 -9.05 -17.17
C GLY A 116 36.93 -10.13 -18.02
N THR A 117 37.08 -11.38 -17.60
CA THR A 117 36.62 -12.57 -18.35
C THR A 117 35.34 -13.13 -17.74
N ALA A 118 34.69 -14.08 -18.42
CA ALA A 118 33.62 -14.93 -17.86
C ALA A 118 34.04 -15.51 -16.52
N ASP A 119 35.26 -16.04 -16.39
CA ASP A 119 35.71 -16.62 -15.09
C ASP A 119 35.74 -15.53 -14.00
N ASP A 120 36.12 -14.29 -14.34
CA ASP A 120 36.15 -13.17 -13.38
C ASP A 120 34.71 -12.87 -12.88
N LEU A 121 33.74 -12.81 -13.79
CA LEU A 121 32.35 -12.48 -13.38
C LEU A 121 31.79 -13.62 -12.53
N LYS A 122 32.12 -14.87 -12.84
CA LYS A 122 31.71 -16.04 -12.02
C LYS A 122 32.40 -15.98 -10.65
N ALA A 123 33.66 -15.56 -10.63
CA ALA A 123 34.44 -15.40 -9.41
C ALA A 123 33.75 -14.34 -8.52
N LEU A 124 33.22 -13.25 -9.12
CA LEU A 124 32.55 -12.18 -8.32
C LEU A 124 31.26 -12.75 -7.71
N SER A 125 30.42 -13.42 -8.49
CA SER A 125 29.18 -14.10 -7.99
C SER A 125 29.55 -15.03 -6.84
N SER A 126 30.60 -15.82 -7.02
N SER A 126 30.59 -15.84 -7.04
CA SER A 126 31.02 -16.81 -6.00
CA SER A 126 31.06 -16.79 -6.00
C SER A 126 31.57 -16.10 -4.75
C SER A 126 31.49 -16.04 -4.74
N ALA A 127 32.32 -15.02 -4.89
CA ALA A 127 32.87 -14.25 -3.76
C ALA A 127 31.73 -13.65 -2.91
N LEU A 128 30.72 -13.08 -3.57
CA LEU A 128 29.52 -12.56 -2.89
C LEU A 128 28.81 -13.68 -2.16
N HIS A 129 28.61 -14.81 -2.82
CA HIS A 129 27.86 -15.95 -2.25
C HIS A 129 28.58 -16.47 -0.99
N GLU A 130 29.90 -16.53 -1.02
N GLU A 130 29.91 -16.48 -1.01
CA GLU A 130 30.72 -17.01 0.14
CA GLU A 130 30.77 -17.00 0.11
C GLU A 130 30.40 -16.15 1.36
C GLU A 130 30.74 -16.05 1.33
N ARG A 131 30.20 -14.84 1.15
CA ARG A 131 29.97 -13.87 2.25
C ARG A 131 28.48 -13.71 2.55
N GLY A 132 27.60 -14.49 1.90
CA GLY A 132 26.17 -14.44 2.20
C GLY A 132 25.51 -13.25 1.52
N MET A 133 26.15 -12.73 0.47
CA MET A 133 25.65 -11.54 -0.26
C MET A 133 25.07 -11.96 -1.60
N TYR A 134 24.24 -11.09 -2.17
CA TYR A 134 23.67 -11.30 -3.51
C TYR A 134 24.34 -10.43 -4.57
N LEU A 135 24.30 -10.92 -5.80
CA LEU A 135 24.70 -10.20 -7.01
C LEU A 135 23.45 -9.81 -7.78
N MET A 136 23.31 -8.52 -8.04
CA MET A 136 22.33 -7.97 -8.97
C MET A 136 23.07 -7.38 -10.16
N VAL A 137 22.62 -7.71 -11.35
CA VAL A 137 23.21 -7.22 -12.61
C VAL A 137 22.18 -6.40 -13.35
N ASP A 138 22.67 -5.27 -13.84
CA ASP A 138 21.94 -4.35 -14.71
C ASP A 138 21.83 -4.98 -16.10
N VAL A 139 20.66 -4.92 -16.69
CA VAL A 139 20.44 -5.43 -18.06
C VAL A 139 19.61 -4.45 -18.88
N VAL A 140 19.90 -4.43 -20.15
CA VAL A 140 19.15 -3.62 -21.14
C VAL A 140 18.49 -4.59 -22.09
N ALA A 141 17.19 -4.41 -22.33
CA ALA A 141 16.42 -5.14 -23.37
C ALA A 141 15.99 -4.14 -24.44
N ASN A 142 15.88 -2.85 -24.09
CA ASN A 142 15.25 -1.87 -25.00
C ASN A 142 16.08 -1.64 -26.25
N HIS A 143 17.38 -1.63 -26.13
CA HIS A 143 18.22 -1.03 -27.19
C HIS A 143 19.61 -1.65 -27.27
N MET A 144 20.22 -1.45 -28.42
CA MET A 144 21.65 -1.58 -28.63
C MET A 144 22.24 -0.17 -28.63
N GLY A 145 23.54 -0.01 -28.84
CA GLY A 145 24.17 1.29 -29.02
C GLY A 145 24.97 1.33 -30.29
N TYR A 146 25.07 2.51 -30.88
CA TYR A 146 25.84 2.66 -32.14
C TYR A 146 26.46 4.05 -32.20
N ASP A 147 27.73 4.10 -32.64
CA ASP A 147 28.43 5.39 -32.86
C ASP A 147 27.94 5.97 -34.21
N GLY A 148 26.91 6.80 -34.20
CA GLY A 148 26.21 7.28 -35.41
C GLY A 148 24.71 7.05 -35.31
N ALA A 149 23.94 7.29 -36.37
CA ALA A 149 22.46 7.21 -36.30
C ALA A 149 21.93 7.02 -37.69
N GLY A 150 20.66 6.61 -37.78
CA GLY A 150 19.94 6.72 -39.03
C GLY A 150 20.53 5.81 -40.06
N SER A 151 20.80 6.36 -41.25
CA SER A 151 21.32 5.59 -42.41
C SER A 151 22.73 5.13 -42.12
N SER A 152 23.40 5.66 -41.08
CA SER A 152 24.77 5.25 -40.72
C SER A 152 24.78 3.85 -40.07
N VAL A 153 23.68 3.39 -39.51
CA VAL A 153 23.74 2.13 -38.69
C VAL A 153 23.96 0.90 -39.58
N ASP A 154 25.01 0.15 -39.27
CA ASP A 154 25.29 -1.15 -39.91
C ASP A 154 24.73 -2.24 -38.99
N TYR A 155 23.51 -2.69 -39.25
CA TYR A 155 22.76 -3.53 -38.29
C TYR A 155 23.49 -4.84 -38.12
N SER A 156 24.39 -5.19 -39.06
CA SER A 156 25.16 -6.46 -39.01
C SER A 156 26.08 -6.51 -37.79
N VAL A 157 26.39 -5.40 -37.11
CA VAL A 157 27.36 -5.42 -35.96
C VAL A 157 26.60 -5.95 -34.73
N PHE A 158 25.27 -5.88 -34.71
CA PHE A 158 24.47 -6.30 -33.53
C PHE A 158 24.35 -7.82 -33.48
N LYS A 159 24.72 -8.43 -32.36
CA LYS A 159 24.61 -9.91 -32.22
C LYS A 159 23.72 -10.20 -31.02
N PRO A 160 22.63 -10.97 -31.19
CA PRO A 160 22.29 -11.66 -32.44
C PRO A 160 21.35 -10.93 -33.41
N PHE A 161 21.00 -9.69 -33.09
CA PHE A 161 19.96 -8.95 -33.82
C PHE A 161 20.59 -8.28 -35.03
N SER A 162 21.15 -9.07 -35.92
CA SER A 162 22.09 -8.60 -36.96
C SER A 162 21.31 -8.18 -38.20
N SER A 163 20.16 -7.57 -38.02
CA SER A 163 19.36 -7.11 -39.19
C SER A 163 18.42 -5.99 -38.76
N GLN A 164 18.23 -5.02 -39.63
CA GLN A 164 17.25 -3.93 -39.45
C GLN A 164 15.88 -4.53 -39.08
N ASP A 165 15.56 -5.76 -39.50
CA ASP A 165 14.23 -6.38 -39.27
C ASP A 165 13.92 -6.53 -37.78
N TYR A 166 14.92 -6.58 -36.91
CA TYR A 166 14.65 -6.74 -35.46
C TYR A 166 14.38 -5.39 -34.79
N PHE A 167 14.43 -4.27 -35.51
CA PHE A 167 14.39 -2.92 -34.89
C PHE A 167 13.13 -2.17 -35.30
N HIS A 168 12.69 -1.29 -34.41
CA HIS A 168 11.67 -0.29 -34.77
C HIS A 168 12.27 0.60 -35.82
N PRO A 169 11.44 1.14 -36.75
CA PRO A 169 11.94 2.12 -37.69
C PRO A 169 12.55 3.34 -36.97
N PHE A 170 13.55 3.92 -37.60
CA PHE A 170 14.37 5.01 -37.03
C PHE A 170 13.51 6.28 -36.85
N CYS A 171 13.38 6.74 -35.59
CA CYS A 171 12.73 8.03 -35.19
C CYS A 171 13.22 8.28 -33.79
N PHE A 172 13.25 9.51 -33.39
CA PHE A 172 13.66 9.85 -32.00
C PHE A 172 12.40 10.12 -31.17
N ILE A 173 12.53 9.92 -29.87
CA ILE A 173 11.44 10.27 -28.94
C ILE A 173 11.45 11.79 -28.73
N GLN A 174 10.37 12.46 -29.14
CA GLN A 174 10.20 13.93 -28.98
C GLN A 174 9.04 14.24 -28.03
N ASN A 175 7.95 13.47 -28.07
CA ASN A 175 6.72 13.65 -27.25
C ASN A 175 6.71 12.61 -26.11
N TYR A 176 7.25 12.91 -24.93
CA TYR A 176 7.35 11.93 -23.82
C TYR A 176 5.95 11.70 -23.25
N GLU A 177 4.96 12.46 -23.72
CA GLU A 177 3.54 12.36 -23.26
C GLU A 177 2.83 11.30 -24.11
N ASP A 178 3.44 10.89 -25.21
CA ASP A 178 2.86 9.88 -26.14
C ASP A 178 3.51 8.54 -25.84
N GLN A 179 2.85 7.68 -25.05
CA GLN A 179 3.49 6.41 -24.57
C GLN A 179 3.88 5.54 -25.78
N THR A 180 3.11 5.58 -26.87
CA THR A 180 3.46 4.84 -28.09
C THR A 180 4.83 5.32 -28.61
N GLN A 181 5.11 6.61 -28.62
CA GLN A 181 6.40 7.10 -29.17
C GLN A 181 7.48 6.72 -28.16
N VAL A 182 7.14 6.77 -26.87
CA VAL A 182 8.13 6.41 -25.81
C VAL A 182 8.59 4.97 -25.99
N GLU A 183 7.71 4.06 -26.43
CA GLU A 183 8.06 2.64 -26.59
C GLU A 183 8.66 2.36 -27.95
N ASP A 184 8.17 3.01 -29.00
CA ASP A 184 8.48 2.54 -30.37
C ASP A 184 9.61 3.36 -31.01
N CYS A 185 9.92 4.55 -30.51
CA CYS A 185 10.99 5.42 -31.07
C CYS A 185 12.31 5.22 -30.31
N TRP A 186 13.40 5.76 -30.84
CA TRP A 186 14.77 5.48 -30.38
C TRP A 186 15.17 6.48 -29.31
N LEU A 187 15.88 6.00 -28.31
CA LEU A 187 16.65 6.87 -27.41
C LEU A 187 17.93 7.33 -28.12
N GLY A 188 18.68 8.18 -27.42
CA GLY A 188 19.92 8.78 -27.93
C GLY A 188 19.64 9.86 -28.95
N ASP A 189 20.60 10.11 -29.82
CA ASP A 189 20.54 11.31 -30.70
C ASP A 189 21.34 11.02 -31.95
N ASN A 190 21.64 12.04 -32.74
CA ASN A 190 22.31 11.79 -34.06
C ASN A 190 23.79 11.50 -33.88
N THR A 191 24.32 11.70 -32.68
CA THR A 191 25.75 11.47 -32.35
C THR A 191 25.96 10.03 -31.89
N VAL A 192 25.22 9.59 -30.86
CA VAL A 192 25.21 8.19 -30.39
C VAL A 192 23.75 7.77 -30.33
N SER A 193 23.35 6.87 -31.22
CA SER A 193 21.96 6.40 -31.25
C SER A 193 21.86 5.08 -30.51
N LEU A 194 20.66 4.82 -30.02
CA LEU A 194 20.36 3.57 -29.28
C LEU A 194 19.30 2.87 -30.10
N PRO A 195 19.72 2.08 -31.12
CA PRO A 195 18.76 1.41 -31.99
C PRO A 195 17.75 0.59 -31.16
N ASP A 196 16.47 0.87 -31.38
CA ASP A 196 15.36 0.38 -30.53
C ASP A 196 14.86 -1.00 -31.03
N LEU A 197 15.06 -2.06 -30.24
CA LEU A 197 14.57 -3.41 -30.63
C LEU A 197 13.03 -3.42 -30.72
N ASP A 198 12.52 -4.08 -31.76
CA ASP A 198 11.06 -4.27 -31.82
C ASP A 198 10.64 -5.42 -30.90
N THR A 199 10.37 -5.06 -29.65
CA THR A 199 10.04 -5.97 -28.54
C THR A 199 8.61 -6.47 -28.65
N THR A 200 7.85 -6.09 -29.70
CA THR A 200 6.52 -6.68 -29.99
C THR A 200 6.70 -7.95 -30.84
N LYS A 201 7.88 -8.18 -31.42
CA LYS A 201 8.15 -9.34 -32.32
C LYS A 201 8.42 -10.60 -31.51
N ASP A 202 7.77 -11.71 -31.85
CA ASP A 202 7.94 -12.99 -31.10
C ASP A 202 9.42 -13.39 -31.10
N VAL A 203 10.14 -13.24 -32.21
N VAL A 203 10.14 -13.17 -32.21
CA VAL A 203 11.56 -13.70 -32.26
CA VAL A 203 11.56 -13.59 -32.38
C VAL A 203 12.37 -12.87 -31.24
C VAL A 203 12.48 -12.82 -31.44
N VAL A 204 12.12 -11.56 -31.16
CA VAL A 204 12.87 -10.67 -30.21
C VAL A 204 12.52 -11.10 -28.78
N LYS A 205 11.24 -11.25 -28.45
CA LYS A 205 10.85 -11.77 -27.12
C LYS A 205 11.58 -13.09 -26.83
N ASN A 206 11.50 -14.07 -27.75
CA ASN A 206 12.07 -15.40 -27.46
C ASN A 206 13.57 -15.28 -27.28
N GLU A 207 14.24 -14.44 -28.06
CA GLU A 207 15.71 -14.32 -27.96
C GLU A 207 16.03 -13.71 -26.59
N TRP A 208 15.33 -12.64 -26.22
CA TRP A 208 15.64 -11.97 -24.92
C TRP A 208 15.35 -12.94 -23.77
N TYR A 209 14.24 -13.67 -23.85
CA TYR A 209 13.82 -14.56 -22.74
C TYR A 209 14.86 -15.68 -22.59
N ASP A 210 15.31 -16.24 -23.70
N ASP A 210 15.33 -16.24 -23.69
CA ASP A 210 16.36 -17.28 -23.71
CA ASP A 210 16.36 -17.30 -23.62
C ASP A 210 17.64 -16.71 -23.09
C ASP A 210 17.66 -16.71 -23.08
N TRP A 211 18.04 -15.51 -23.54
CA TRP A 211 19.27 -14.83 -23.12
C TRP A 211 19.24 -14.62 -21.61
N VAL A 212 18.16 -14.04 -21.09
CA VAL A 212 18.20 -13.57 -19.67
C VAL A 212 18.23 -14.81 -18.76
N GLY A 213 17.49 -15.86 -19.10
CA GLY A 213 17.47 -17.09 -18.30
C GLY A 213 18.83 -17.72 -18.27
N SER A 214 19.55 -17.71 -19.41
CA SER A 214 20.88 -18.33 -19.53
C SER A 214 21.93 -17.41 -18.87
N LEU A 215 21.77 -16.08 -18.93
CA LEU A 215 22.71 -15.15 -18.24
C LEU A 215 22.63 -15.47 -16.75
N VAL A 216 21.41 -15.51 -16.22
CA VAL A 216 21.19 -15.68 -14.76
C VAL A 216 21.82 -17.01 -14.33
N SER A 217 21.52 -18.07 -15.06
CA SER A 217 22.05 -19.41 -14.74
C SER A 217 23.57 -19.51 -14.94
N ASN A 218 24.17 -18.94 -16.00
CA ASN A 218 25.63 -19.04 -16.22
C ASN A 218 26.41 -18.35 -15.10
N TYR A 219 25.89 -17.23 -14.58
CA TYR A 219 26.71 -16.38 -13.67
C TYR A 219 26.13 -16.48 -12.26
N SER A 220 25.16 -17.36 -11.99
CA SER A 220 24.50 -17.48 -10.68
C SER A 220 24.11 -16.10 -10.15
N ILE A 221 23.40 -15.34 -10.96
CA ILE A 221 22.93 -13.99 -10.59
C ILE A 221 21.70 -14.11 -9.70
N ASP A 222 21.61 -13.28 -8.65
CA ASP A 222 20.54 -13.42 -7.65
C ASP A 222 19.35 -12.50 -7.98
N GLY A 223 19.61 -11.45 -8.76
CA GLY A 223 18.55 -10.51 -9.13
C GLY A 223 18.99 -9.60 -10.24
N LEU A 224 18.03 -8.93 -10.90
CA LEU A 224 18.34 -8.04 -12.02
C LEU A 224 17.76 -6.65 -11.74
N ARG A 225 18.52 -5.63 -12.14
CA ARG A 225 18.02 -4.25 -12.30
C ARG A 225 17.79 -4.09 -13.79
N ILE A 226 16.58 -3.74 -14.19
CA ILE A 226 16.28 -3.65 -15.64
C ILE A 226 16.19 -2.18 -16.03
N ASP A 227 16.99 -1.81 -17.01
CA ASP A 227 17.11 -0.44 -17.52
C ASP A 227 15.88 -0.13 -18.37
N THR A 228 15.57 1.14 -18.51
CA THR A 228 14.68 1.70 -19.58
C THR A 228 13.38 0.90 -19.70
N VAL A 229 12.72 0.61 -18.59
CA VAL A 229 11.53 -0.29 -18.57
C VAL A 229 10.36 0.42 -19.28
N LYS A 230 10.22 1.74 -19.08
CA LYS A 230 9.05 2.45 -19.67
C LYS A 230 9.17 2.51 -21.18
N HIS A 231 10.34 2.20 -21.77
CA HIS A 231 10.57 2.30 -23.23
C HIS A 231 10.20 1.00 -23.95
N VAL A 232 9.75 0.01 -23.18
CA VAL A 232 9.33 -1.28 -23.73
C VAL A 232 7.88 -1.53 -23.32
N GLN A 233 7.02 -1.93 -24.27
CA GLN A 233 5.58 -2.14 -23.97
C GLN A 233 5.44 -3.15 -22.82
N LYS A 234 4.44 -2.94 -21.98
CA LYS A 234 4.28 -3.71 -20.73
C LYS A 234 4.20 -5.23 -20.96
N ASP A 235 3.59 -5.69 -22.06
CA ASP A 235 3.35 -7.13 -22.29
C ASP A 235 4.67 -7.87 -22.52
N PHE A 236 5.78 -7.16 -22.70
CA PHE A 236 7.09 -7.82 -22.84
C PHE A 236 7.56 -8.33 -21.46
N TRP A 237 7.22 -7.60 -20.40
CA TRP A 237 7.98 -7.72 -19.14
C TRP A 237 7.61 -8.97 -18.33
N PRO A 238 6.35 -9.41 -18.22
CA PRO A 238 6.08 -10.61 -17.40
C PRO A 238 6.88 -11.83 -17.87
N GLY A 239 6.93 -12.05 -19.18
CA GLY A 239 7.72 -13.15 -19.75
C GLY A 239 9.19 -13.01 -19.48
N TYR A 240 9.71 -11.76 -19.46
CA TYR A 240 11.13 -11.49 -19.19
C TYR A 240 11.43 -11.85 -17.73
N ASN A 241 10.55 -11.38 -16.84
CA ASN A 241 10.70 -11.55 -15.36
C ASN A 241 10.66 -13.06 -15.10
N LYS A 242 9.74 -13.76 -15.76
CA LYS A 242 9.55 -15.22 -15.53
C LYS A 242 10.78 -15.95 -16.06
N ALA A 243 11.29 -15.60 -17.25
CA ALA A 243 12.47 -16.26 -17.86
C ALA A 243 13.70 -16.01 -16.99
N ALA A 244 13.85 -14.83 -16.40
CA ALA A 244 15.00 -14.54 -15.51
C ALA A 244 15.02 -15.50 -14.30
N GLY A 245 13.85 -15.84 -13.77
CA GLY A 245 13.73 -16.74 -12.59
C GLY A 245 14.16 -16.10 -11.29
N VAL A 246 14.34 -14.77 -11.25
CA VAL A 246 14.84 -14.06 -10.06
C VAL A 246 14.06 -12.76 -9.94
N TYR A 247 14.14 -12.13 -8.78
CA TYR A 247 13.66 -10.76 -8.54
C TYR A 247 14.22 -9.83 -9.61
N CYS A 248 13.32 -9.08 -10.25
CA CYS A 248 13.70 -7.99 -11.16
C CYS A 248 13.15 -6.66 -10.64
N ILE A 249 14.02 -5.65 -10.61
CA ILE A 249 13.59 -4.29 -10.20
C ILE A 249 13.78 -3.41 -11.43
N GLY A 250 12.72 -2.71 -11.85
CA GLY A 250 12.72 -1.93 -13.09
C GLY A 250 13.05 -0.46 -12.87
N GLU A 251 13.82 0.14 -13.77
CA GLU A 251 14.00 1.60 -13.86
C GLU A 251 12.84 2.13 -14.69
N VAL A 252 11.87 2.69 -14.01
CA VAL A 252 10.76 3.43 -14.67
C VAL A 252 10.98 4.89 -14.28
N LEU A 253 11.58 5.65 -15.20
CA LEU A 253 12.09 7.00 -14.85
C LEU A 253 10.90 7.98 -14.92
N ASP A 254 10.14 8.06 -13.82
CA ASP A 254 8.99 8.97 -13.70
C ASP A 254 8.64 9.12 -12.22
N GLY A 255 8.43 10.36 -11.79
CA GLY A 255 8.12 10.61 -10.39
C GLY A 255 6.65 10.52 -10.08
N ASP A 256 5.79 10.30 -11.08
CA ASP A 256 4.34 10.20 -10.81
C ASP A 256 3.99 8.77 -10.46
N PRO A 257 3.54 8.47 -9.21
CA PRO A 257 3.22 7.09 -8.85
C PRO A 257 2.11 6.47 -9.72
N ALA A 258 1.23 7.29 -10.33
CA ALA A 258 0.12 6.79 -11.18
C ALA A 258 0.68 6.29 -12.51
N TYR A 259 1.88 6.75 -12.90
CA TYR A 259 2.60 6.21 -14.09
C TYR A 259 3.50 5.03 -13.73
N THR A 260 4.29 5.16 -12.66
CA THR A 260 5.40 4.26 -12.34
C THR A 260 4.86 3.00 -11.63
N CYS A 261 4.02 3.15 -10.62
CA CYS A 261 3.62 2.01 -9.76
C CYS A 261 2.87 0.93 -10.55
N PRO A 262 2.09 1.23 -11.60
CA PRO A 262 1.49 0.15 -12.40
C PRO A 262 2.47 -0.81 -13.05
N TYR A 263 3.72 -0.38 -13.29
CA TYR A 263 4.74 -1.30 -13.81
C TYR A 263 5.00 -2.45 -12.84
N GLN A 264 4.63 -2.29 -11.58
CA GLN A 264 4.75 -3.40 -10.62
C GLN A 264 3.75 -4.53 -10.91
N ASN A 265 2.80 -4.30 -11.81
CA ASN A 265 1.86 -5.36 -12.23
C ASN A 265 2.54 -6.23 -13.27
N VAL A 266 3.67 -5.79 -13.86
CA VAL A 266 4.34 -6.64 -14.88
C VAL A 266 5.76 -6.99 -14.49
N MET A 267 6.26 -6.47 -13.36
CA MET A 267 7.63 -6.69 -12.91
C MET A 267 7.61 -6.73 -11.37
N ASP A 268 8.51 -7.47 -10.75
CA ASP A 268 8.48 -7.62 -9.27
C ASP A 268 8.55 -6.27 -8.56
N GLY A 269 9.51 -5.46 -8.96
CA GLY A 269 9.74 -4.18 -8.29
C GLY A 269 10.07 -3.10 -9.28
N VAL A 270 10.00 -1.87 -8.82
CA VAL A 270 10.56 -0.72 -9.58
C VAL A 270 11.36 0.17 -8.63
N LEU A 271 12.34 0.88 -9.20
CA LEU A 271 13.10 1.91 -8.44
C LEU A 271 12.10 2.98 -7.98
N ASN A 272 12.25 3.46 -6.77
CA ASN A 272 11.24 4.38 -6.19
C ASN A 272 11.53 5.82 -6.64
N TYR A 273 11.33 6.07 -7.94
CA TYR A 273 11.44 7.45 -8.47
C TYR A 273 10.32 8.31 -7.91
N PRO A 274 9.09 7.82 -7.59
CA PRO A 274 8.12 8.67 -6.90
C PRO A 274 8.62 9.26 -5.58
N ILE A 275 9.28 8.46 -4.75
CA ILE A 275 9.82 8.98 -3.46
C ILE A 275 11.04 9.85 -3.73
N TYR A 276 11.86 9.50 -4.72
CA TYR A 276 13.13 10.23 -5.01
C TYR A 276 12.92 11.75 -4.94
N TYR A 277 12.04 12.30 -5.74
CA TYR A 277 11.96 13.76 -5.90
C TYR A 277 11.63 14.46 -4.57
N PRO A 278 10.55 14.10 -3.82
CA PRO A 278 10.27 14.76 -2.55
C PRO A 278 11.30 14.40 -1.48
N LEU A 279 11.93 13.23 -1.58
CA LEU A 279 12.96 12.87 -0.59
C LEU A 279 14.14 13.82 -0.76
N LEU A 280 14.58 13.97 -2.00
CA LEU A 280 15.69 14.91 -2.31
C LEU A 280 15.31 16.32 -1.84
N ASN A 281 14.13 16.76 -2.19
CA ASN A 281 13.69 18.13 -1.84
C ASN A 281 13.63 18.31 -0.33
N ALA A 282 13.19 17.29 0.42
CA ALA A 282 12.97 17.43 1.87
C ALA A 282 14.30 17.65 2.55
N PHE A 283 15.37 16.99 2.10
CA PHE A 283 16.65 17.03 2.83
C PHE A 283 17.75 17.85 2.15
N LYS A 284 17.58 18.33 0.94
CA LYS A 284 18.71 19.04 0.26
C LYS A 284 18.82 20.47 0.79
N SER A 285 17.83 20.95 1.52
CA SER A 285 17.93 22.30 2.09
C SER A 285 17.14 22.40 3.40
N THR A 286 17.53 23.34 4.24
CA THR A 286 16.83 23.61 5.53
C THR A 286 15.38 24.12 5.29
N SER A 287 15.04 24.55 4.08
N SER A 287 15.03 24.52 4.07
CA SER A 287 13.66 24.95 3.68
CA SER A 287 13.67 24.98 3.65
C SER A 287 12.92 23.86 2.89
C SER A 287 12.80 23.82 3.11
N GLY A 288 13.33 22.59 3.03
CA GLY A 288 12.69 21.49 2.26
C GLY A 288 11.35 21.06 2.84
N SER A 289 10.44 20.64 1.96
CA SER A 289 9.07 20.20 2.29
C SER A 289 9.06 18.80 2.93
N MET A 290 8.87 18.70 4.24
CA MET A 290 8.56 17.40 4.86
C MET A 290 7.15 16.98 4.45
N ASP A 291 6.23 17.93 4.25
CA ASP A 291 4.84 17.61 3.80
C ASP A 291 4.87 16.78 2.52
N ASP A 292 5.62 17.20 1.49
CA ASP A 292 5.58 16.51 0.18
C ASP A 292 6.11 15.06 0.34
N LEU A 293 7.12 14.86 1.19
CA LEU A 293 7.69 13.51 1.44
C LEU A 293 6.69 12.65 2.21
N TYR A 294 6.16 13.16 3.32
CA TYR A 294 5.11 12.48 4.10
C TYR A 294 3.97 12.05 3.17
N ASN A 295 3.52 12.95 2.31
CA ASN A 295 2.34 12.71 1.43
C ASN A 295 2.70 11.62 0.42
N MET A 296 3.91 11.67 -0.16
CA MET A 296 4.31 10.64 -1.14
C MET A 296 4.49 9.29 -0.44
N ILE A 297 5.03 9.22 0.76
CA ILE A 297 5.14 7.91 1.45
C ILE A 297 3.74 7.28 1.52
N ASN A 298 2.75 8.10 1.87
CA ASN A 298 1.36 7.62 2.05
C ASN A 298 0.73 7.27 0.70
N THR A 299 1.00 8.02 -0.35
CA THR A 299 0.49 7.70 -1.70
C THR A 299 1.09 6.39 -2.20
N VAL A 300 2.40 6.21 -2.05
CA VAL A 300 3.07 4.97 -2.52
C VAL A 300 2.55 3.78 -1.71
N LYS A 301 2.38 3.97 -0.41
CA LYS A 301 1.96 2.89 0.51
C LYS A 301 0.60 2.35 0.08
N SER A 302 -0.33 3.23 -0.30
N SER A 302 -0.34 3.20 -0.34
CA SER A 302 -1.74 2.92 -0.65
CA SER A 302 -1.73 2.81 -0.66
C SER A 302 -1.87 2.48 -2.12
C SER A 302 -1.87 2.45 -2.16
N ASP A 303 -1.13 3.12 -3.04
CA ASP A 303 -1.44 3.07 -4.51
C ASP A 303 -0.40 2.26 -5.31
N CYS A 304 0.69 1.81 -4.72
CA CYS A 304 1.69 0.95 -5.39
C CYS A 304 1.41 -0.50 -4.99
N PRO A 305 1.41 -1.42 -5.97
CA PRO A 305 1.06 -2.82 -5.70
C PRO A 305 1.75 -3.39 -4.45
N ASP A 306 3.02 -3.07 -4.26
CA ASP A 306 3.74 -3.50 -3.03
C ASP A 306 4.94 -2.60 -2.78
N SER A 307 4.77 -1.58 -1.94
CA SER A 307 5.86 -0.63 -1.56
C SER A 307 7.09 -1.35 -0.98
N THR A 308 6.97 -2.57 -0.47
CA THR A 308 8.07 -3.30 0.17
C THR A 308 8.95 -4.00 -0.88
N LEU A 309 8.61 -3.92 -2.17
CA LEU A 309 9.46 -4.48 -3.24
C LEU A 309 10.03 -3.34 -4.10
N LEU A 310 9.88 -2.09 -3.67
CA LEU A 310 10.49 -0.93 -4.37
C LEU A 310 11.90 -0.69 -3.83
N GLY A 311 12.73 0.00 -4.61
CA GLY A 311 14.12 0.34 -4.22
C GLY A 311 14.24 1.80 -3.90
N THR A 312 14.61 2.11 -2.67
CA THR A 312 14.68 3.49 -2.20
C THR A 312 16.06 4.06 -2.48
N PHE A 313 16.16 5.27 -3.00
CA PHE A 313 17.44 5.90 -3.32
C PHE A 313 17.32 7.42 -3.30
N VAL A 314 18.44 8.12 -3.12
CA VAL A 314 18.49 9.58 -3.41
C VAL A 314 19.65 9.94 -4.34
N GLU A 315 20.45 8.96 -4.77
CA GLU A 315 21.64 9.20 -5.60
C GLU A 315 21.77 8.06 -6.58
N ASN A 316 22.11 8.42 -7.82
CA ASN A 316 22.42 7.45 -8.87
C ASN A 316 23.26 8.19 -9.92
N HIS A 317 23.46 7.52 -11.02
CA HIS A 317 24.34 7.96 -12.12
C HIS A 317 23.55 8.75 -13.17
N ASP A 318 22.28 9.05 -12.89
CA ASP A 318 21.41 9.77 -13.84
C ASP A 318 20.87 11.06 -13.24
N ASN A 319 21.37 11.45 -12.07
CA ASN A 319 20.97 12.73 -11.45
C ASN A 319 22.16 13.30 -10.70
N PRO A 320 22.14 14.61 -10.37
CA PRO A 320 23.20 15.19 -9.53
C PRO A 320 23.27 14.45 -8.21
N ARG A 321 24.46 14.27 -7.65
CA ARG A 321 24.60 13.67 -6.31
C ARG A 321 24.01 14.59 -5.25
N PHE A 322 23.57 14.00 -4.18
CA PHE A 322 22.98 14.74 -3.06
C PHE A 322 23.89 15.88 -2.64
N ALA A 323 25.19 15.62 -2.46
CA ALA A 323 26.16 16.64 -2.00
C ALA A 323 26.40 17.74 -3.03
N SER A 324 25.99 17.56 -4.31
CA SER A 324 26.01 18.64 -5.32
C SER A 324 25.00 19.73 -4.96
N TYR A 325 23.93 19.36 -4.24
CA TYR A 325 22.87 20.29 -3.80
C TYR A 325 23.28 20.93 -2.49
N THR A 326 23.87 20.18 -1.58
CA THR A 326 24.28 20.76 -0.27
C THR A 326 25.43 19.94 0.22
N ASN A 327 26.44 20.60 0.79
CA ASN A 327 27.54 19.88 1.47
C ASN A 327 27.26 19.70 2.95
N ASP A 328 26.05 20.00 3.46
CA ASP A 328 25.80 19.85 4.91
C ASP A 328 25.78 18.35 5.25
N ILE A 329 26.68 17.92 6.12
CA ILE A 329 26.87 16.49 6.41
C ILE A 329 25.68 15.97 7.22
N ALA A 330 25.06 16.81 8.06
CA ALA A 330 23.87 16.38 8.81
C ALA A 330 22.75 16.06 7.83
N LEU A 331 22.57 16.87 6.81
CA LEU A 331 21.49 16.64 5.84
C LEU A 331 21.77 15.31 5.11
N ALA A 332 23.02 15.05 4.72
CA ALA A 332 23.40 13.79 4.05
C ALA A 332 23.15 12.61 4.99
N LYS A 333 23.40 12.74 6.30
CA LYS A 333 23.17 11.64 7.27
C LYS A 333 21.67 11.33 7.34
N ASN A 334 20.83 12.35 7.36
CA ASN A 334 19.35 12.16 7.48
C ASN A 334 18.82 11.47 6.21
N VAL A 335 19.29 11.90 5.03
CA VAL A 335 18.72 11.34 3.78
C VAL A 335 19.19 9.88 3.67
N ALA A 336 20.41 9.58 4.12
CA ALA A 336 20.94 8.21 4.07
C ALA A 336 20.14 7.32 5.04
N ALA A 337 19.87 7.81 6.24
CA ALA A 337 19.05 7.05 7.22
C ALA A 337 17.67 6.76 6.64
N PHE A 338 17.06 7.72 5.95
CA PHE A 338 15.74 7.49 5.35
C PHE A 338 15.81 6.29 4.39
N ILE A 339 16.78 6.32 3.51
CA ILE A 339 16.94 5.32 2.43
C ILE A 339 17.05 3.95 3.06
N ILE A 340 17.81 3.80 4.15
CA ILE A 340 18.00 2.50 4.79
C ILE A 340 16.73 2.06 5.55
N LEU A 341 15.97 2.99 6.13
CA LEU A 341 14.84 2.62 7.03
C LEU A 341 13.46 2.70 6.37
N ASN A 342 13.37 3.13 5.13
CA ASN A 342 12.11 3.17 4.38
C ASN A 342 11.68 1.74 4.00
N ASP A 343 10.40 1.61 3.67
CA ASP A 343 9.89 0.40 2.99
C ASP A 343 10.78 0.08 1.81
N GLY A 344 10.93 -1.21 1.51
CA GLY A 344 11.63 -1.71 0.33
C GLY A 344 13.13 -1.83 0.57
N ILE A 345 13.85 -1.83 -0.52
CA ILE A 345 15.26 -2.25 -0.52
C ILE A 345 16.11 -0.99 -0.64
N PRO A 346 16.92 -0.69 0.38
CA PRO A 346 17.76 0.50 0.34
C PRO A 346 18.77 0.36 -0.79
N ILE A 347 19.03 1.44 -1.51
CA ILE A 347 20.07 1.46 -2.56
C ILE A 347 20.93 2.72 -2.39
N ILE A 348 22.20 2.49 -2.14
CA ILE A 348 23.21 3.56 -1.94
C ILE A 348 24.17 3.48 -3.11
N TYR A 349 24.47 4.61 -3.74
CA TYR A 349 25.30 4.66 -4.96
C TYR A 349 26.75 4.91 -4.53
N ALA A 350 27.67 4.01 -4.92
CA ALA A 350 29.11 4.15 -4.66
C ALA A 350 29.53 5.62 -4.77
N GLY A 351 30.13 6.15 -3.71
CA GLY A 351 30.57 7.55 -3.59
C GLY A 351 29.70 8.35 -2.66
N GLN A 352 28.43 7.96 -2.51
CA GLN A 352 27.50 8.65 -1.59
C GLN A 352 28.11 8.61 -0.18
N GLU A 353 28.66 7.47 0.19
CA GLU A 353 29.24 7.25 1.54
C GLU A 353 30.53 8.05 1.73
N GLN A 354 31.14 8.55 0.65
CA GLN A 354 32.30 9.46 0.77
C GLN A 354 31.89 10.89 0.43
N HIS A 355 30.59 11.18 0.40
CA HIS A 355 30.07 12.56 0.27
C HIS A 355 30.50 13.15 -1.07
N TYR A 356 30.46 12.34 -2.13
CA TYR A 356 30.82 12.78 -3.50
C TYR A 356 29.79 13.81 -3.93
N ALA A 357 30.23 14.84 -4.66
CA ALA A 357 29.37 16.00 -4.96
C ALA A 357 29.31 16.29 -6.45
N GLY A 358 29.59 15.33 -7.31
CA GLY A 358 29.40 15.53 -8.75
C GLY A 358 27.97 15.84 -9.18
N GLY A 359 27.83 16.65 -10.21
CA GLY A 359 26.54 16.99 -10.83
C GLY A 359 26.14 15.97 -11.86
N ASN A 360 25.38 16.41 -12.85
CA ASN A 360 24.84 15.48 -13.85
C ASN A 360 25.96 14.83 -14.68
N ASP A 361 25.58 13.69 -15.27
CA ASP A 361 26.39 12.85 -16.15
C ASP A 361 27.19 13.75 -17.07
N PRO A 362 28.53 13.64 -17.14
CA PRO A 362 29.32 12.57 -16.53
C PRO A 362 29.91 12.82 -15.14
N ALA A 363 29.56 13.94 -14.51
CA ALA A 363 30.20 14.42 -13.25
C ALA A 363 29.87 13.49 -12.07
N ASN A 364 28.78 12.75 -12.17
CA ASN A 364 28.31 11.85 -11.09
C ASN A 364 28.85 10.42 -11.30
N ARG A 365 29.86 10.22 -12.16
CA ARG A 365 30.45 8.88 -12.39
C ARG A 365 31.87 8.86 -11.84
N GLU A 366 32.07 9.53 -10.73
CA GLU A 366 33.40 9.63 -10.06
C GLU A 366 33.89 8.24 -9.69
N ALA A 367 35.20 8.02 -9.81
CA ALA A 367 35.85 6.78 -9.34
C ALA A 367 35.82 6.71 -7.81
N THR A 368 35.35 5.59 -7.28
CA THR A 368 35.28 5.37 -5.82
C THR A 368 36.71 5.30 -5.29
N TRP A 369 37.64 4.79 -6.10
CA TRP A 369 39.00 4.53 -5.57
C TRP A 369 39.72 5.84 -5.20
N LEU A 370 39.38 6.97 -5.81
CA LEU A 370 40.06 8.27 -5.55
C LEU A 370 39.75 8.79 -4.14
N SER A 371 38.77 8.22 -3.43
CA SER A 371 38.50 8.51 -2.01
C SER A 371 39.57 7.89 -1.13
N GLY A 372 40.21 6.82 -1.57
CA GLY A 372 41.06 5.98 -0.69
C GLY A 372 40.26 4.94 0.07
N TYR A 373 38.93 4.83 -0.16
CA TYR A 373 38.03 3.88 0.55
C TYR A 373 38.13 3.98 2.07
N PRO A 374 38.08 5.17 2.70
CA PRO A 374 38.18 5.29 4.16
C PRO A 374 36.89 4.76 4.79
N THR A 375 37.04 3.91 5.82
CA THR A 375 35.95 3.25 6.56
C THR A 375 35.64 4.09 7.80
N ASP A 376 36.30 5.23 7.95
CA ASP A 376 36.12 6.09 9.14
C ASP A 376 35.47 7.40 8.69
N SER A 377 34.93 7.47 7.47
CA SER A 377 34.28 8.71 6.99
C SER A 377 32.93 8.83 7.71
N GLU A 378 32.41 10.03 7.82
CA GLU A 378 31.16 10.26 8.59
C GLU A 378 30.03 9.42 7.97
N LEU A 379 29.92 9.43 6.65
CA LEU A 379 28.76 8.75 6.04
C LEU A 379 28.98 7.23 5.97
N TYR A 380 30.23 6.76 5.95
CA TYR A 380 30.50 5.30 6.03
C TYR A 380 29.95 4.82 7.39
N LYS A 381 30.27 5.57 8.44
CA LYS A 381 29.88 5.22 9.81
C LYS A 381 28.35 5.31 9.98
N LEU A 382 27.71 6.34 9.43
CA LEU A 382 26.25 6.50 9.54
C LEU A 382 25.58 5.32 8.85
N ILE A 383 26.01 5.01 7.63
CA ILE A 383 25.37 3.94 6.80
C ILE A 383 25.58 2.61 7.53
N ALA A 384 26.74 2.40 8.10
CA ALA A 384 27.07 1.17 8.85
C ALA A 384 26.12 1.01 10.04
N SER A 385 25.87 2.10 10.79
CA SER A 385 24.98 2.08 11.96
C SER A 385 23.54 1.82 11.52
N ALA A 386 23.11 2.46 10.42
CA ALA A 386 21.71 2.33 9.96
C ALA A 386 21.46 0.93 9.41
N ASN A 387 22.38 0.43 8.61
CA ASN A 387 22.25 -0.95 8.08
C ASN A 387 22.38 -1.91 9.26
N ALA A 388 23.20 -1.59 10.27
CA ALA A 388 23.39 -2.52 11.41
C ALA A 388 22.06 -2.78 12.13
N ILE A 389 21.31 -1.73 12.43
CA ILE A 389 20.02 -1.85 13.17
C ILE A 389 19.00 -2.48 12.22
N ARG A 390 18.98 -2.09 10.95
CA ARG A 390 18.04 -2.72 10.00
C ARG A 390 18.30 -4.23 9.91
N ASN A 391 19.54 -4.63 9.70
CA ASN A 391 19.92 -6.06 9.59
C ASN A 391 19.58 -6.77 10.93
N TYR A 392 19.82 -6.13 12.06
CA TYR A 392 19.58 -6.77 13.36
C TYR A 392 18.07 -6.96 13.58
N ALA A 393 17.30 -5.92 13.31
CA ALA A 393 15.84 -5.91 13.55
C ALA A 393 15.24 -7.00 12.67
N ILE A 394 15.69 -7.09 11.42
CA ILE A 394 15.15 -8.08 10.45
C ILE A 394 15.48 -9.48 10.99
N SER A 395 16.66 -9.67 11.55
CA SER A 395 17.07 -11.02 12.05
C SER A 395 16.14 -11.43 13.19
N LYS A 396 15.55 -10.47 13.91
CA LYS A 396 14.72 -10.76 15.12
C LYS A 396 13.23 -10.67 14.82
N ASP A 397 12.82 -10.10 13.68
CA ASP A 397 11.42 -9.71 13.42
C ASP A 397 11.11 -10.04 11.97
N THR A 398 10.57 -11.22 11.67
CA THR A 398 10.27 -11.65 10.28
C THR A 398 9.19 -10.74 9.68
N GLY A 399 8.46 -9.97 10.50
CA GLY A 399 7.44 -9.01 10.04
C GLY A 399 8.02 -7.67 9.63
N PHE A 400 9.26 -7.35 9.97
CA PHE A 400 9.80 -5.99 9.70
C PHE A 400 9.59 -5.61 8.22
N VAL A 401 10.03 -6.46 7.30
CA VAL A 401 10.09 -6.08 5.86
C VAL A 401 8.67 -6.00 5.27
N THR A 402 7.64 -6.57 5.92
CA THR A 402 6.27 -6.45 5.34
C THR A 402 5.39 -5.46 6.12
N TYR A 403 5.88 -4.86 7.21
CA TYR A 403 5.17 -3.80 7.97
C TYR A 403 5.34 -2.52 7.15
N LYS A 404 4.28 -1.97 6.59
CA LYS A 404 4.48 -0.75 5.76
C LYS A 404 4.86 0.45 6.64
N ASN A 405 5.93 1.11 6.26
CA ASN A 405 6.46 2.28 6.99
C ASN A 405 5.34 3.28 7.24
N TRP A 406 5.32 3.84 8.44
CA TRP A 406 4.19 4.66 8.91
C TRP A 406 4.75 5.99 9.38
N PRO A 407 4.58 7.06 8.60
CA PRO A 407 4.89 8.40 9.07
C PRO A 407 3.93 8.82 10.16
N ILE A 408 4.48 9.05 11.36
CA ILE A 408 3.67 9.33 12.57
C ILE A 408 3.75 10.81 12.96
N TYR A 409 4.61 11.62 12.35
CA TYR A 409 4.83 13.02 12.75
C TYR A 409 5.52 13.78 11.64
N LYS A 410 5.09 15.02 11.44
CA LYS A 410 5.86 15.98 10.65
C LYS A 410 5.63 17.40 11.19
N ASP A 411 6.65 18.23 11.04
CA ASP A 411 6.56 19.70 11.23
C ASP A 411 7.44 20.33 10.15
N ASP A 412 7.76 21.61 10.26
CA ASP A 412 8.49 22.32 9.19
C ASP A 412 9.84 21.66 8.92
N THR A 413 10.48 21.07 9.94
CA THR A 413 11.89 20.61 9.81
C THR A 413 12.06 19.14 10.19
N THR A 414 10.98 18.39 10.40
CA THR A 414 11.04 17.06 11.05
C THR A 414 10.09 16.11 10.34
N ILE A 415 10.50 14.85 10.21
CA ILE A 415 9.55 13.75 9.89
C ILE A 415 9.92 12.57 10.77
N ALA A 416 8.95 11.89 11.32
CA ALA A 416 9.19 10.70 12.17
C ALA A 416 8.38 9.53 11.62
N MET A 417 8.98 8.34 11.58
CA MET A 417 8.29 7.20 10.96
C MET A 417 8.52 5.98 11.82
N ARG A 418 7.62 5.02 11.71
N ARG A 418 7.57 5.03 11.79
CA ARG A 418 7.67 3.80 12.54
CA ARG A 418 7.66 3.76 12.58
C ARG A 418 7.56 2.60 11.59
C ARG A 418 7.58 2.60 11.60
N LYS A 419 8.35 1.57 11.86
CA LYS A 419 8.33 0.35 11.04
C LYS A 419 8.74 -0.80 11.91
N GLY A 420 7.91 -1.84 11.87
CA GLY A 420 8.23 -3.13 12.50
C GLY A 420 7.14 -3.57 13.44
N THR A 421 7.22 -4.83 13.80
CA THR A 421 6.23 -5.49 14.68
C THR A 421 6.19 -4.81 16.05
N ASP A 422 4.97 -4.63 16.56
CA ASP A 422 4.72 -4.01 17.88
C ASP A 422 5.66 -4.64 18.91
N GLY A 423 6.35 -3.78 19.67
CA GLY A 423 7.36 -4.18 20.68
C GLY A 423 8.78 -4.27 20.14
N SER A 424 8.96 -4.28 18.81
CA SER A 424 10.29 -4.39 18.12
C SER A 424 10.45 -3.28 17.08
N GLN A 425 9.58 -2.27 17.10
CA GLN A 425 9.50 -1.32 15.97
C GLN A 425 10.72 -0.41 16.06
N ILE A 426 11.26 -0.06 14.90
CA ILE A 426 12.24 1.04 14.77
C ILE A 426 11.46 2.34 14.60
N VAL A 427 11.78 3.36 15.40
CA VAL A 427 11.13 4.67 15.24
C VAL A 427 12.25 5.65 14.89
N THR A 428 12.07 6.30 13.75
CA THR A 428 13.14 7.11 13.16
C THR A 428 12.68 8.57 13.12
N ILE A 429 13.52 9.49 13.59
CA ILE A 429 13.16 10.93 13.61
C ILE A 429 14.24 11.59 12.77
N LEU A 430 13.86 12.17 11.66
CA LEU A 430 14.76 12.87 10.74
C LEU A 430 14.47 14.36 10.71
N SER A 431 15.48 15.13 10.37
CA SER A 431 15.47 16.60 10.47
C SER A 431 16.16 17.18 9.25
N ASN A 432 15.66 18.32 8.75
CA ASN A 432 16.39 19.13 7.77
C ASN A 432 16.89 20.45 8.43
N LYS A 433 17.09 20.48 9.75
CA LYS A 433 17.70 21.68 10.36
C LYS A 433 19.16 21.83 9.92
N GLY A 434 19.88 20.74 9.62
CA GLY A 434 21.27 20.87 9.21
C GLY A 434 22.18 20.97 10.41
N ALA A 435 23.46 21.10 10.12
CA ALA A 435 24.54 20.92 11.11
C ALA A 435 24.54 22.06 12.14
N SER A 436 23.94 23.21 11.85
CA SER A 436 23.83 24.32 12.81
C SER A 436 22.49 24.29 13.55
N GLY A 437 21.72 23.21 13.41
CA GLY A 437 20.43 23.04 14.13
C GLY A 437 20.57 23.22 15.62
N ASP A 438 19.56 23.81 16.26
CA ASP A 438 19.52 24.04 17.72
C ASP A 438 19.25 22.73 18.47
N SER A 439 19.55 22.71 19.77
CA SER A 439 19.25 21.57 20.66
C SER A 439 17.92 21.81 21.33
N TYR A 440 17.05 20.81 21.35
CA TYR A 440 15.68 20.89 21.91
C TYR A 440 15.14 19.46 22.08
N THR A 441 14.06 19.32 22.83
CA THR A 441 13.36 18.02 23.02
C THR A 441 12.09 18.06 22.18
N LEU A 442 11.92 17.06 21.31
CA LEU A 442 10.67 16.80 20.56
C LEU A 442 9.91 15.72 21.34
N SER A 443 8.73 16.09 21.84
CA SER A 443 7.78 15.17 22.51
C SER A 443 6.99 14.43 21.44
N LEU A 444 7.36 13.18 21.18
CA LEU A 444 6.83 12.41 20.03
C LEU A 444 5.71 11.47 20.51
N SER A 445 4.53 11.63 19.95
CA SER A 445 3.36 10.74 20.19
C SER A 445 3.24 9.76 19.02
N GLY A 446 2.69 8.57 19.28
CA GLY A 446 2.35 7.61 18.21
C GLY A 446 3.44 6.58 17.98
N ALA A 447 4.50 6.57 18.77
CA ALA A 447 5.63 5.65 18.57
C ALA A 447 5.25 4.21 18.97
N GLY A 448 4.30 4.01 19.90
CA GLY A 448 3.73 2.69 20.17
C GLY A 448 4.55 1.91 21.16
N TYR A 449 5.44 2.56 21.89
CA TYR A 449 6.25 1.91 22.94
C TYR A 449 5.51 2.11 24.27
N THR A 450 5.86 1.35 25.29
CA THR A 450 5.20 1.41 26.63
C THR A 450 5.91 2.41 27.52
N ALA A 451 5.16 3.12 28.37
CA ALA A 451 5.70 4.02 29.42
C ALA A 451 6.79 3.32 30.26
N GLY A 452 7.92 4.00 30.47
CA GLY A 452 9.14 3.50 31.17
C GLY A 452 10.01 2.62 30.32
N GLN A 453 9.62 2.34 29.08
CA GLN A 453 10.46 1.50 28.21
C GLN A 453 11.73 2.28 27.89
N GLN A 454 12.89 1.66 28.03
CA GLN A 454 14.18 2.24 27.57
C GLN A 454 14.31 1.98 26.07
N LEU A 455 14.66 3.00 25.33
CA LEU A 455 14.99 2.92 23.89
C LEU A 455 16.43 3.36 23.72
N THR A 456 17.10 2.72 22.81
CA THR A 456 18.46 3.10 22.40
C THR A 456 18.33 3.90 21.11
N GLU A 457 18.95 5.08 21.07
CA GLU A 457 19.18 5.86 19.84
C GLU A 457 20.47 5.28 19.24
N VAL A 458 20.35 4.47 18.21
CA VAL A 458 21.42 3.55 17.79
C VAL A 458 22.42 4.26 16.88
N ILE A 459 22.17 5.50 16.48
CA ILE A 459 23.16 6.25 15.66
C ILE A 459 24.20 6.80 16.64
N GLY A 460 23.75 7.45 17.72
CA GLY A 460 24.59 8.13 18.73
C GLY A 460 24.80 7.30 19.98
N CYS A 461 24.05 6.21 20.14
CA CYS A 461 24.24 5.22 21.22
C CYS A 461 23.83 5.84 22.56
N THR A 462 22.83 6.71 22.57
CA THR A 462 22.22 7.23 23.83
C THR A 462 20.94 6.49 24.14
N THR A 463 20.52 6.57 25.40
CA THR A 463 19.27 6.02 25.93
C THR A 463 18.25 7.14 26.02
N VAL A 464 17.01 6.82 25.62
CA VAL A 464 15.78 7.66 25.70
C VAL A 464 14.73 6.81 26.41
N THR A 465 14.09 7.33 27.44
CA THR A 465 13.04 6.58 28.16
C THR A 465 11.67 7.17 27.81
N VAL A 466 10.71 6.30 27.50
CA VAL A 466 9.30 6.69 27.16
C VAL A 466 8.65 7.25 28.42
N GLY A 467 7.91 8.34 28.29
CA GLY A 467 7.30 9.04 29.45
C GLY A 467 6.08 8.30 29.95
N SER A 468 5.59 8.64 31.16
CA SER A 468 4.35 8.05 31.78
C SER A 468 3.17 8.15 30.80
N ASP A 469 3.07 9.24 30.05
CA ASP A 469 1.99 9.49 29.06
C ASP A 469 2.23 8.74 27.72
N GLY A 470 3.32 7.98 27.58
CA GLY A 470 3.60 7.18 26.37
C GLY A 470 4.34 7.98 25.29
N ASN A 471 4.58 9.27 25.52
CA ASN A 471 5.31 10.16 24.57
C ASN A 471 6.80 9.94 24.76
N VAL A 472 7.56 10.06 23.68
CA VAL A 472 9.03 9.83 23.67
C VAL A 472 9.67 11.20 23.64
N PRO A 473 10.45 11.57 24.68
CA PRO A 473 11.13 12.86 24.74
C PRO A 473 12.41 12.70 23.92
N VAL A 474 12.31 12.94 22.61
CA VAL A 474 13.42 12.72 21.66
C VAL A 474 14.36 13.92 21.73
N PRO A 475 15.63 13.74 22.16
CA PRO A 475 16.60 14.83 22.14
C PRO A 475 16.99 15.09 20.69
N MET A 476 16.87 16.35 20.30
CA MET A 476 17.24 16.83 18.96
C MET A 476 18.45 17.76 19.12
N ALA A 477 19.42 17.65 18.22
CA ALA A 477 20.68 18.42 18.29
C ALA A 477 21.47 18.19 17.03
N GLY A 478 22.16 19.22 16.58
CA GLY A 478 23.09 19.12 15.45
C GLY A 478 22.41 18.72 14.17
N GLY A 479 21.08 18.86 14.08
CA GLY A 479 20.31 18.37 12.93
C GLY A 479 20.47 16.87 12.73
N LEU A 480 20.84 16.10 13.75
CA LEU A 480 21.24 14.69 13.56
C LEU A 480 20.00 13.81 13.46
N PRO A 481 20.07 12.71 12.67
CA PRO A 481 18.97 11.74 12.62
C PRO A 481 18.96 10.95 13.93
N ARG A 482 17.77 10.50 14.32
CA ARG A 482 17.62 9.70 15.55
C ARG A 482 16.90 8.41 15.19
N VAL A 483 17.47 7.27 15.56
CA VAL A 483 16.89 5.95 15.23
C VAL A 483 16.74 5.14 16.51
N LEU A 484 15.50 4.91 16.90
CA LEU A 484 15.18 4.35 18.22
C LEU A 484 14.75 2.90 18.07
N TYR A 485 15.18 2.08 19.03
CA TYR A 485 14.84 0.64 19.10
C TYR A 485 14.92 0.23 20.55
N PRO A 486 14.02 -0.66 21.01
CA PRO A 486 14.00 -1.02 22.43
C PRO A 486 15.33 -1.59 22.90
N THR A 487 15.83 -1.06 24.02
CA THR A 487 17.14 -1.45 24.59
C THR A 487 17.13 -2.93 24.92
N GLU A 488 16.04 -3.42 25.51
CA GLU A 488 16.01 -4.84 25.96
C GLU A 488 16.01 -5.76 24.73
N LYS A 489 15.54 -5.31 23.56
CA LYS A 489 15.61 -6.13 22.32
C LYS A 489 17.05 -6.17 21.75
N LEU A 490 18.01 -5.36 22.25
CA LEU A 490 19.42 -5.34 21.76
C LEU A 490 20.33 -6.33 22.49
N ALA A 491 19.83 -7.07 23.48
CA ALA A 491 20.55 -8.14 24.20
C ALA A 491 21.30 -9.03 23.19
N GLY A 492 22.62 -9.13 23.33
CA GLY A 492 23.46 -10.05 22.53
C GLY A 492 23.90 -9.46 21.20
N SER A 493 23.26 -8.37 20.72
CA SER A 493 23.69 -7.63 19.51
C SER A 493 25.00 -6.90 19.80
N LYS A 494 25.76 -6.60 18.76
CA LYS A 494 27.01 -5.82 18.91
C LYS A 494 26.73 -4.33 18.65
N ILE A 495 25.49 -3.88 18.92
CA ILE A 495 25.08 -2.47 18.62
C ILE A 495 25.21 -1.64 19.90
N CYS A 496 25.98 -0.56 19.85
CA CYS A 496 26.07 0.42 20.96
C CYS A 496 26.58 -0.23 22.25
N SER A 497 27.52 -1.16 22.14
CA SER A 497 28.08 -1.86 23.33
C SER A 497 29.37 -1.15 23.75
N ALA B 22 -9.89 -6.34 -7.62
CA ALA B 22 -9.74 -4.89 -7.82
C ALA B 22 -8.85 -4.31 -6.72
N THR B 23 -8.09 -3.28 -7.06
CA THR B 23 -7.06 -2.74 -6.15
C THR B 23 -7.66 -1.80 -5.12
N PRO B 24 -6.91 -1.43 -4.07
CA PRO B 24 -7.37 -0.41 -3.15
C PRO B 24 -7.80 0.90 -3.84
N ALA B 25 -7.04 1.38 -4.83
CA ALA B 25 -7.37 2.61 -5.57
C ALA B 25 -8.73 2.43 -6.27
N ASP B 26 -8.94 1.27 -6.89
CA ASP B 26 -10.23 0.90 -7.54
C ASP B 26 -11.38 0.99 -6.51
N TRP B 27 -11.14 0.51 -5.29
CA TRP B 27 -12.23 0.39 -4.29
C TRP B 27 -12.62 1.74 -3.69
N ARG B 28 -11.79 2.75 -3.76
CA ARG B 28 -12.07 4.05 -3.08
C ARG B 28 -13.40 4.59 -3.59
N SER B 29 -13.74 4.35 -4.84
CA SER B 29 -14.92 5.03 -5.43
C SER B 29 -16.18 4.18 -5.23
N GLN B 30 -16.06 3.05 -4.55
CA GLN B 30 -17.18 2.09 -4.40
C GLN B 30 -18.08 2.51 -3.22
N SER B 31 -19.26 1.92 -3.20
CA SER B 31 -20.31 2.04 -2.17
C SER B 31 -20.89 0.64 -1.94
N ILE B 32 -20.82 0.13 -0.72
CA ILE B 32 -21.06 -1.30 -0.42
C ILE B 32 -22.43 -1.47 0.24
N TYR B 33 -23.20 -2.42 -0.29
CA TYR B 33 -24.37 -3.01 0.41
C TYR B 33 -23.94 -4.33 1.03
N PHE B 34 -23.94 -4.35 2.36
CA PHE B 34 -23.52 -5.55 3.14
C PHE B 34 -24.76 -6.35 3.49
N LEU B 35 -24.76 -7.63 3.14
CA LEU B 35 -25.93 -8.51 3.44
C LEU B 35 -25.47 -9.86 3.99
N LEU B 36 -26.36 -10.50 4.77
CA LEU B 36 -26.21 -11.90 5.18
C LEU B 36 -26.84 -12.73 4.07
N THR B 37 -26.09 -13.61 3.46
CA THR B 37 -26.66 -14.46 2.38
C THR B 37 -27.93 -15.20 2.87
N ASP B 38 -27.90 -15.77 4.06
CA ASP B 38 -29.08 -16.52 4.57
C ASP B 38 -30.31 -15.61 4.75
N ARG B 39 -30.15 -14.30 4.85
CA ARG B 39 -31.25 -13.42 5.31
C ARG B 39 -31.67 -12.44 4.23
N PHE B 40 -30.98 -12.36 3.07
CA PHE B 40 -31.29 -11.29 2.11
C PHE B 40 -32.42 -11.70 1.15
N ALA B 41 -32.24 -12.80 0.44
CA ALA B 41 -33.18 -13.18 -0.66
C ALA B 41 -33.20 -14.68 -0.86
N ARG B 42 -34.40 -15.28 -0.82
CA ARG B 42 -34.54 -16.74 -1.07
C ARG B 42 -34.62 -16.97 -2.58
N THR B 43 -34.29 -18.17 -3.03
CA THR B 43 -34.40 -18.54 -4.47
C THR B 43 -35.85 -18.34 -4.94
N ASP B 44 -36.84 -18.71 -4.14
CA ASP B 44 -38.28 -18.64 -4.54
C ASP B 44 -38.81 -17.20 -4.49
N GLY B 45 -38.02 -16.24 -3.99
CA GLY B 45 -38.40 -14.81 -4.01
C GLY B 45 -39.51 -14.51 -3.01
N SER B 46 -39.79 -15.42 -2.09
CA SER B 46 -40.86 -15.19 -1.08
C SER B 46 -40.53 -13.95 -0.26
N THR B 47 -41.52 -13.08 -0.03
CA THR B 47 -41.43 -11.96 0.94
C THR B 47 -42.23 -12.29 2.21
N THR B 48 -42.71 -13.53 2.38
CA THR B 48 -43.51 -13.91 3.57
C THR B 48 -42.84 -15.05 4.35
N ALA B 49 -41.82 -15.68 3.77
CA ALA B 49 -41.23 -16.92 4.33
C ALA B 49 -40.77 -16.59 5.74
N THR B 50 -41.14 -17.39 6.72
CA THR B 50 -40.82 -17.16 8.14
C THR B 50 -39.31 -17.00 8.30
N CYS B 51 -38.93 -16.01 9.10
CA CYS B 51 -37.55 -15.90 9.60
C CYS B 51 -37.62 -15.28 11.00
N ASN B 52 -37.78 -16.17 11.98
CA ASN B 52 -37.79 -15.79 13.40
C ASN B 52 -36.33 -15.71 13.85
N THR B 53 -35.79 -14.50 13.98
CA THR B 53 -34.36 -14.32 14.32
C THR B 53 -33.99 -15.07 15.60
N ALA B 54 -34.89 -15.19 16.58
CA ALA B 54 -34.58 -15.83 17.88
C ALA B 54 -34.30 -17.32 17.67
N ASP B 55 -34.82 -17.93 16.60
CA ASP B 55 -34.58 -19.37 16.32
C ASP B 55 -33.13 -19.61 15.92
N GLN B 56 -32.46 -18.58 15.39
CA GLN B 56 -31.04 -18.66 14.94
C GLN B 56 -30.82 -19.85 14.00
N LYS B 57 -31.78 -20.06 13.11
CA LYS B 57 -31.72 -21.16 12.14
C LYS B 57 -31.55 -20.63 10.73
N TYR B 58 -31.09 -21.47 9.82
CA TYR B 58 -31.12 -21.14 8.37
C TYR B 58 -32.55 -20.71 8.00
N CYS B 59 -32.70 -19.56 7.35
CA CYS B 59 -34.01 -19.09 6.87
C CYS B 59 -34.16 -19.32 5.36
N GLY B 60 -33.08 -19.58 4.66
CA GLY B 60 -33.11 -20.05 3.27
C GLY B 60 -32.61 -19.02 2.24
N GLY B 61 -32.00 -17.88 2.64
CA GLY B 61 -31.32 -17.01 1.67
C GLY B 61 -30.27 -17.74 0.85
N THR B 62 -30.14 -17.40 -0.44
CA THR B 62 -29.17 -18.04 -1.36
C THR B 62 -28.47 -17.01 -2.26
N TRP B 63 -27.40 -17.45 -2.92
CA TRP B 63 -26.69 -16.62 -3.92
C TRP B 63 -27.61 -16.30 -5.11
N GLN B 64 -28.43 -17.27 -5.54
CA GLN B 64 -29.38 -17.03 -6.66
C GLN B 64 -30.39 -15.97 -6.21
N GLY B 65 -30.80 -16.00 -4.97
CA GLY B 65 -31.73 -14.99 -4.46
C GLY B 65 -31.12 -13.62 -4.62
N ILE B 66 -29.83 -13.43 -4.30
CA ILE B 66 -29.15 -12.11 -4.42
C ILE B 66 -29.23 -11.66 -5.89
N ILE B 67 -28.92 -12.57 -6.80
CA ILE B 67 -28.90 -12.28 -8.26
C ILE B 67 -30.25 -11.64 -8.62
N ASP B 68 -31.33 -12.24 -8.14
CA ASP B 68 -32.71 -11.87 -8.55
C ASP B 68 -33.04 -10.48 -8.00
N LYS B 69 -32.35 -10.04 -6.95
CA LYS B 69 -32.64 -8.74 -6.29
C LYS B 69 -31.56 -7.67 -6.57
N LEU B 70 -30.69 -7.88 -7.57
CA LEU B 70 -29.63 -6.87 -7.85
C LEU B 70 -30.23 -5.54 -8.30
N ASP B 71 -31.38 -5.52 -8.97
CA ASP B 71 -32.01 -4.22 -9.34
C ASP B 71 -32.31 -3.42 -8.06
N TYR B 72 -32.83 -4.07 -7.03
CA TYR B 72 -33.15 -3.43 -5.73
C TYR B 72 -31.91 -2.73 -5.17
N ILE B 73 -30.79 -3.46 -5.14
CA ILE B 73 -29.53 -2.95 -4.55
C ILE B 73 -29.00 -1.81 -5.42
N GLN B 74 -28.94 -2.04 -6.73
CA GLN B 74 -28.29 -1.04 -7.62
C GLN B 74 -29.16 0.22 -7.68
N GLY B 75 -30.45 0.04 -7.46
CA GLY B 75 -31.40 1.18 -7.44
C GLY B 75 -31.10 2.16 -6.34
N MET B 76 -30.37 1.75 -5.30
CA MET B 76 -29.91 2.67 -4.24
C MET B 76 -28.56 3.27 -4.58
N GLY B 77 -28.01 2.91 -5.75
CA GLY B 77 -26.74 3.50 -6.23
C GLY B 77 -25.51 2.86 -5.58
N PHE B 78 -25.64 1.69 -4.98
CA PHE B 78 -24.47 0.88 -4.53
C PHE B 78 -23.74 0.31 -5.74
N THR B 79 -22.41 0.16 -5.62
CA THR B 79 -21.53 -0.32 -6.72
C THR B 79 -20.96 -1.68 -6.37
N ALA B 80 -21.30 -2.20 -5.19
CA ALA B 80 -20.63 -3.39 -4.66
C ALA B 80 -21.55 -4.02 -3.59
N ILE B 81 -21.42 -5.31 -3.41
CA ILE B 81 -21.98 -6.05 -2.24
C ILE B 81 -20.85 -6.75 -1.48
N TRP B 82 -21.05 -6.85 -0.18
CA TRP B 82 -20.30 -7.70 0.76
C TRP B 82 -21.27 -8.79 1.24
N ILE B 83 -20.90 -10.04 0.96
CA ILE B 83 -21.66 -11.24 1.41
C ILE B 83 -20.87 -11.95 2.51
N THR B 84 -21.61 -12.65 3.36
CA THR B 84 -21.04 -13.39 4.51
C THR B 84 -20.29 -14.60 4.00
N PRO B 85 -19.48 -15.24 4.86
CA PRO B 85 -18.55 -16.27 4.37
C PRO B 85 -19.23 -17.44 3.64
N VAL B 86 -18.48 -18.01 2.70
CA VAL B 86 -19.01 -19.00 1.72
C VAL B 86 -18.60 -20.43 2.07
N THR B 87 -17.69 -20.63 2.99
CA THR B 87 -17.10 -21.96 3.24
C THR B 87 -18.10 -22.88 3.95
N ALA B 88 -17.89 -24.19 3.83
CA ALA B 88 -18.74 -25.18 4.50
C ALA B 88 -18.57 -25.02 6.02
N GLN B 89 -19.70 -25.11 6.73
CA GLN B 89 -19.78 -24.83 8.17
C GLN B 89 -19.95 -26.10 9.03
N LEU B 90 -19.84 -25.97 10.34
CA LEU B 90 -20.35 -27.06 11.21
C LEU B 90 -21.80 -27.33 10.81
N PRO B 91 -22.19 -28.61 10.79
CA PRO B 91 -23.51 -29.03 10.32
C PRO B 91 -24.62 -28.93 11.37
N GLN B 92 -24.25 -28.83 12.63
CA GLN B 92 -25.22 -28.95 13.73
C GLN B 92 -26.07 -27.70 13.87
N THR B 93 -27.28 -27.87 14.40
CA THR B 93 -28.00 -26.81 15.10
C THR B 93 -27.45 -26.85 16.51
N THR B 94 -26.57 -25.90 16.82
CA THR B 94 -25.93 -25.81 18.15
C THR B 94 -26.93 -25.21 19.14
N ALA B 95 -26.53 -25.04 20.38
CA ALA B 95 -27.37 -24.33 21.37
C ALA B 95 -27.52 -22.84 21.01
N TYR B 96 -26.62 -22.31 20.16
CA TYR B 96 -26.63 -20.94 19.63
C TYR B 96 -27.14 -20.91 18.19
N GLY B 97 -27.80 -22.00 17.73
CA GLY B 97 -28.40 -22.07 16.39
C GLY B 97 -27.45 -22.67 15.36
N ASP B 98 -27.86 -22.49 14.13
CA ASP B 98 -27.12 -22.95 12.94
C ASP B 98 -25.99 -21.97 12.64
N ALA B 99 -25.09 -22.42 11.79
CA ALA B 99 -24.05 -21.55 11.20
C ALA B 99 -24.58 -20.77 10.00
N TYR B 100 -25.75 -20.17 10.13
CA TYR B 100 -26.42 -19.46 9.01
C TYR B 100 -25.58 -18.24 8.57
N HIS B 101 -24.75 -17.72 9.47
CA HIS B 101 -23.98 -16.48 9.35
C HIS B 101 -22.64 -16.74 8.68
N GLY B 102 -22.15 -17.99 8.65
CA GLY B 102 -20.93 -18.30 7.87
C GLY B 102 -19.65 -18.27 8.71
N TYR B 103 -19.71 -17.91 9.99
CA TYR B 103 -18.47 -17.69 10.80
C TYR B 103 -17.96 -18.93 11.54
N TRP B 104 -18.52 -20.10 11.27
CA TRP B 104 -18.18 -21.35 12.01
C TRP B 104 -17.74 -22.41 11.00
N GLN B 105 -16.68 -22.13 10.27
CA GLN B 105 -16.28 -22.99 9.13
C GLN B 105 -15.64 -24.27 9.63
N GLN B 106 -15.74 -25.33 8.82
CA GLN B 106 -15.07 -26.62 9.09
C GLN B 106 -14.34 -27.14 7.86
N ASP B 107 -14.82 -26.88 6.65
CA ASP B 107 -14.20 -27.39 5.40
C ASP B 107 -14.01 -26.24 4.42
N ILE B 108 -12.80 -25.68 4.30
CA ILE B 108 -12.60 -24.42 3.52
C ILE B 108 -12.59 -24.71 2.02
N TYR B 109 -12.47 -25.97 1.64
CA TYR B 109 -12.47 -26.38 0.20
C TYR B 109 -13.84 -26.92 -0.24
N SER B 110 -14.86 -26.75 0.58
CA SER B 110 -16.27 -26.92 0.18
C SER B 110 -17.02 -25.62 0.42
N LEU B 111 -18.01 -25.35 -0.41
CA LEU B 111 -18.97 -24.28 -0.13
C LEU B 111 -20.09 -24.75 0.80
N ASN B 112 -20.72 -23.77 1.42
CA ASN B 112 -21.92 -23.97 2.25
C ASN B 112 -23.07 -24.25 1.29
N GLU B 113 -23.49 -25.50 1.20
CA GLU B 113 -24.57 -25.94 0.26
C GLU B 113 -25.90 -25.23 0.55
N ASN B 114 -26.14 -24.70 1.75
CA ASN B 114 -27.38 -23.91 2.03
C ASN B 114 -27.53 -22.80 1.00
N TYR B 115 -26.41 -22.24 0.50
CA TYR B 115 -26.49 -20.98 -0.28
C TYR B 115 -26.52 -21.28 -1.78
N GLY B 116 -26.19 -22.51 -2.15
CA GLY B 116 -26.18 -22.94 -3.56
C GLY B 116 -24.90 -23.69 -3.87
N THR B 117 -24.52 -23.72 -5.14
CA THR B 117 -23.37 -24.49 -5.69
C THR B 117 -22.25 -23.51 -6.05
N ALA B 118 -21.07 -24.03 -6.37
CA ALA B 118 -19.98 -23.24 -6.95
C ALA B 118 -20.45 -22.44 -8.17
N ASP B 119 -21.32 -23.04 -9.01
CA ASP B 119 -21.79 -22.35 -10.24
C ASP B 119 -22.68 -21.17 -9.89
N ASP B 120 -23.48 -21.28 -8.83
CA ASP B 120 -24.32 -20.17 -8.32
C ASP B 120 -23.41 -19.03 -7.82
N LEU B 121 -22.32 -19.34 -7.12
CA LEU B 121 -21.45 -18.27 -6.59
C LEU B 121 -20.71 -17.61 -7.77
N LYS B 122 -20.25 -18.39 -8.76
CA LYS B 122 -19.67 -17.80 -9.98
C LYS B 122 -20.73 -16.99 -10.72
N ALA B 123 -21.97 -17.48 -10.76
CA ALA B 123 -23.11 -16.75 -11.38
C ALA B 123 -23.30 -15.39 -10.69
N LEU B 124 -23.23 -15.34 -9.36
CA LEU B 124 -23.40 -14.06 -8.62
C LEU B 124 -22.28 -13.07 -9.02
N SER B 125 -21.03 -13.53 -9.00
CA SER B 125 -19.84 -12.77 -9.45
C SER B 125 -20.09 -12.19 -10.86
N SER B 126 -20.52 -13.03 -11.79
CA SER B 126 -20.70 -12.61 -13.22
C SER B 126 -21.84 -11.59 -13.30
N ALA B 127 -22.95 -11.82 -12.58
CA ALA B 127 -24.10 -10.90 -12.60
C ALA B 127 -23.69 -9.50 -12.12
N LEU B 128 -22.92 -9.44 -11.04
CA LEU B 128 -22.41 -8.14 -10.54
C LEU B 128 -21.51 -7.50 -11.61
N HIS B 129 -20.60 -8.28 -12.19
CA HIS B 129 -19.65 -7.75 -13.20
C HIS B 129 -20.42 -7.19 -14.39
N GLU B 130 -21.48 -7.86 -14.81
CA GLU B 130 -22.28 -7.42 -15.99
C GLU B 130 -22.96 -6.08 -15.68
N ARG B 131 -23.18 -5.75 -14.41
CA ARG B 131 -23.76 -4.45 -14.01
C ARG B 131 -22.68 -3.45 -13.61
N GLY B 132 -21.41 -3.78 -13.75
CA GLY B 132 -20.30 -2.89 -13.36
C GLY B 132 -20.16 -2.76 -11.85
N MET B 133 -20.59 -3.81 -11.16
CA MET B 133 -20.50 -3.91 -9.70
C MET B 133 -19.38 -4.87 -9.30
N TYR B 134 -18.93 -4.71 -8.04
CA TYR B 134 -17.92 -5.57 -7.41
C TYR B 134 -18.57 -6.55 -6.43
N LEU B 135 -17.94 -7.69 -6.28
CA LEU B 135 -18.27 -8.68 -5.22
C LEU B 135 -17.17 -8.65 -4.16
N MET B 136 -17.58 -8.42 -2.93
CA MET B 136 -16.67 -8.57 -1.77
C MET B 136 -17.15 -9.76 -0.96
N VAL B 137 -16.23 -10.66 -0.58
CA VAL B 137 -16.57 -11.86 0.19
C VAL B 137 -15.90 -11.75 1.55
N ASP B 138 -16.69 -12.07 2.56
CA ASP B 138 -16.21 -12.17 3.95
C ASP B 138 -15.41 -13.47 4.12
N VAL B 139 -14.30 -13.40 4.83
CA VAL B 139 -13.44 -14.59 5.01
C VAL B 139 -12.96 -14.61 6.46
N VAL B 140 -12.79 -15.80 7.00
CA VAL B 140 -12.26 -16.02 8.36
C VAL B 140 -10.95 -16.78 8.22
N ALA B 141 -9.87 -16.29 8.84
CA ALA B 141 -8.62 -17.07 8.92
C ALA B 141 -8.34 -17.48 10.36
N ASN B 142 -8.92 -16.81 11.33
CA ASN B 142 -8.54 -16.97 12.75
C ASN B 142 -8.95 -18.33 13.29
N HIS B 143 -10.09 -18.85 12.85
CA HIS B 143 -10.73 -20.00 13.57
C HIS B 143 -11.56 -20.85 12.63
N MET B 144 -11.79 -22.06 13.11
CA MET B 144 -12.85 -22.95 12.64
C MET B 144 -13.99 -22.88 13.65
N GLY B 145 -15.07 -23.61 13.44
CA GLY B 145 -16.15 -23.71 14.43
C GLY B 145 -16.41 -25.16 14.79
N TYR B 146 -16.85 -25.39 16.01
CA TYR B 146 -17.13 -26.75 16.52
C TYR B 146 -18.29 -26.69 17.50
N ASP B 147 -19.27 -27.57 17.30
CA ASP B 147 -20.38 -27.77 18.27
C ASP B 147 -19.87 -28.50 19.51
N GLY B 148 -19.62 -27.80 20.60
CA GLY B 148 -19.21 -28.45 21.85
C GLY B 148 -17.99 -27.81 22.47
N ALA B 149 -17.58 -28.39 23.59
CA ALA B 149 -16.48 -27.93 24.46
C ALA B 149 -15.15 -28.02 23.69
N GLY B 150 -14.27 -27.07 23.94
CA GLY B 150 -12.93 -27.03 23.32
C GLY B 150 -12.19 -28.34 23.55
N SER B 151 -12.31 -28.93 24.73
CA SER B 151 -11.59 -30.19 25.07
C SER B 151 -12.26 -31.40 24.39
N SER B 152 -13.44 -31.22 23.78
CA SER B 152 -14.17 -32.34 23.12
C SER B 152 -13.88 -32.33 21.62
N VAL B 153 -13.07 -31.41 21.13
CA VAL B 153 -12.97 -31.17 19.66
C VAL B 153 -12.29 -32.37 19.02
N ASP B 154 -12.89 -32.88 17.94
CA ASP B 154 -12.31 -33.90 17.02
C ASP B 154 -11.72 -33.12 15.84
N TYR B 155 -10.40 -32.93 15.85
CA TYR B 155 -9.71 -32.04 14.90
C TYR B 155 -9.80 -32.64 13.51
N SER B 156 -10.12 -33.94 13.37
CA SER B 156 -10.16 -34.61 12.06
C SER B 156 -11.33 -34.08 11.22
N VAL B 157 -12.29 -33.34 11.77
CA VAL B 157 -13.44 -32.83 10.96
C VAL B 157 -12.97 -31.60 10.17
N PHE B 158 -11.86 -30.95 10.54
CA PHE B 158 -11.40 -29.72 9.86
C PHE B 158 -10.67 -30.11 8.56
N LYS B 159 -11.08 -29.54 7.43
CA LYS B 159 -10.33 -29.68 6.15
C LYS B 159 -9.81 -28.31 5.74
N PRO B 160 -8.48 -28.13 5.51
CA PRO B 160 -7.49 -29.20 5.54
C PRO B 160 -6.77 -29.36 6.88
N PHE B 161 -7.10 -28.54 7.88
CA PHE B 161 -6.38 -28.47 9.16
C PHE B 161 -6.83 -29.61 10.08
N SER B 162 -6.66 -30.86 9.65
CA SER B 162 -7.28 -32.05 10.29
C SER B 162 -6.41 -32.61 11.41
N SER B 163 -5.74 -31.76 12.17
CA SER B 163 -4.89 -32.20 13.31
C SER B 163 -4.86 -31.09 14.34
N GLN B 164 -4.77 -31.43 15.62
CA GLN B 164 -4.57 -30.47 16.73
C GLN B 164 -3.27 -29.67 16.52
N ASP B 165 -2.32 -30.26 15.79
CA ASP B 165 -1.02 -29.63 15.46
C ASP B 165 -1.17 -28.27 14.73
N TYR B 166 -2.28 -28.02 14.05
CA TYR B 166 -2.48 -26.74 13.35
C TYR B 166 -3.04 -25.66 14.27
N PHE B 167 -3.42 -25.97 15.50
CA PHE B 167 -4.15 -25.05 16.40
C PHE B 167 -3.27 -24.61 17.56
N HIS B 168 -3.57 -23.44 18.09
CA HIS B 168 -3.12 -22.99 19.42
C HIS B 168 -3.70 -23.90 20.47
N PRO B 169 -2.93 -24.15 21.55
CA PRO B 169 -3.44 -24.87 22.70
C PRO B 169 -4.74 -24.22 23.19
N PHE B 170 -5.67 -25.06 23.63
CA PHE B 170 -7.00 -24.59 24.10
C PHE B 170 -6.88 -23.77 25.39
N CYS B 171 -7.30 -22.50 25.36
CA CYS B 171 -7.47 -21.51 26.47
C CYS B 171 -8.48 -20.53 25.93
N PHE B 172 -9.26 -19.86 26.78
CA PHE B 172 -10.16 -18.77 26.36
C PHE B 172 -9.46 -17.46 26.70
N ILE B 173 -9.79 -16.39 25.96
CA ILE B 173 -9.25 -15.04 26.26
C ILE B 173 -9.91 -14.57 27.57
N GLN B 174 -9.09 -14.27 28.57
CA GLN B 174 -9.43 -13.73 29.89
C GLN B 174 -9.10 -12.25 29.97
N ASN B 175 -7.94 -11.85 29.41
CA ASN B 175 -7.34 -10.51 29.58
C ASN B 175 -7.31 -9.87 28.18
N TYR B 176 -8.33 -9.12 27.81
CA TYR B 176 -8.39 -8.45 26.49
C TYR B 176 -7.32 -7.35 26.41
N GLU B 177 -6.73 -6.93 27.53
CA GLU B 177 -5.63 -5.92 27.52
C GLU B 177 -4.30 -6.60 27.19
N ASP B 178 -4.26 -7.94 27.15
CA ASP B 178 -3.06 -8.72 26.74
C ASP B 178 -3.14 -9.11 25.25
N GLN B 179 -2.49 -8.38 24.36
CA GLN B 179 -2.67 -8.64 22.91
C GLN B 179 -2.16 -10.04 22.53
N THR B 180 -1.17 -10.63 23.21
CA THR B 180 -0.74 -12.02 22.94
C THR B 180 -1.88 -12.99 23.22
N GLN B 181 -2.63 -12.80 24.30
CA GLN B 181 -3.74 -13.70 24.64
C GLN B 181 -4.84 -13.52 23.59
N VAL B 182 -5.09 -12.26 23.20
CA VAL B 182 -6.12 -11.90 22.18
C VAL B 182 -5.84 -12.69 20.91
N GLU B 183 -4.57 -12.89 20.57
CA GLU B 183 -4.15 -13.56 19.32
C GLU B 183 -4.08 -15.07 19.50
N ASP B 184 -3.60 -15.55 20.64
CA ASP B 184 -3.19 -16.96 20.79
C ASP B 184 -4.27 -17.82 21.47
N CYS B 185 -5.21 -17.21 22.19
CA CYS B 185 -6.29 -17.94 22.88
C CYS B 185 -7.53 -18.04 21.97
N TRP B 186 -8.49 -18.87 22.37
CA TRP B 186 -9.68 -19.17 21.55
C TRP B 186 -10.80 -18.19 21.85
N LEU B 187 -11.50 -17.83 20.80
CA LEU B 187 -12.83 -17.20 20.84
C LEU B 187 -13.88 -18.27 21.15
N GLY B 188 -15.11 -17.83 21.34
CA GLY B 188 -16.21 -18.76 21.63
C GLY B 188 -16.17 -19.22 23.07
N ASP B 189 -16.81 -20.35 23.34
CA ASP B 189 -16.97 -20.86 24.72
C ASP B 189 -17.09 -22.38 24.64
N ASN B 190 -17.53 -23.01 25.73
CA ASN B 190 -17.62 -24.48 25.74
C ASN B 190 -18.95 -24.93 25.13
N THR B 191 -19.81 -24.02 24.67
CA THR B 191 -21.06 -24.39 23.96
C THR B 191 -20.76 -24.49 22.47
N VAL B 192 -20.18 -23.44 21.88
CA VAL B 192 -19.70 -23.43 20.48
C VAL B 192 -18.28 -22.89 20.60
N SER B 193 -17.32 -23.77 20.37
CA SER B 193 -15.91 -23.41 20.49
C SER B 193 -15.43 -23.00 19.09
N LEU B 194 -14.46 -22.10 19.08
CA LEU B 194 -13.84 -21.61 17.82
C LEU B 194 -12.35 -21.92 17.83
N PRO B 195 -11.99 -23.18 17.48
CA PRO B 195 -10.61 -23.61 17.57
C PRO B 195 -9.68 -22.65 16.80
N ASP B 196 -8.69 -22.15 17.48
CA ASP B 196 -7.85 -20.99 17.04
C ASP B 196 -6.66 -21.54 16.27
N LEU B 197 -6.57 -21.21 14.98
CA LEU B 197 -5.45 -21.67 14.12
C LEU B 197 -4.14 -21.03 14.61
N ASP B 198 -3.08 -21.82 14.62
CA ASP B 198 -1.73 -21.30 14.92
C ASP B 198 -1.18 -20.62 13.67
N THR B 199 -1.57 -19.35 13.50
CA THR B 199 -1.22 -18.51 12.34
C THR B 199 0.26 -18.10 12.40
N THR B 200 1.03 -18.50 13.42
CA THR B 200 2.50 -18.27 13.43
C THR B 200 3.23 -19.42 12.72
N LYS B 201 2.57 -20.54 12.44
CA LYS B 201 3.19 -21.71 11.78
C LYS B 201 3.24 -21.49 10.26
N ASP B 202 4.40 -21.72 9.67
CA ASP B 202 4.57 -21.61 8.20
C ASP B 202 3.52 -22.43 7.44
N VAL B 203 3.24 -23.66 7.89
CA VAL B 203 2.29 -24.57 7.19
C VAL B 203 0.89 -23.91 7.16
N VAL B 204 0.51 -23.22 8.24
CA VAL B 204 -0.84 -22.57 8.37
C VAL B 204 -0.85 -21.35 7.45
N LYS B 205 0.21 -20.52 7.50
CA LYS B 205 0.30 -19.36 6.56
C LYS B 205 0.21 -19.85 5.11
N ASN B 206 1.05 -20.83 4.76
CA ASN B 206 1.11 -21.27 3.35
C ASN B 206 -0.26 -21.80 2.92
N GLU B 207 -0.95 -22.57 3.76
CA GLU B 207 -2.25 -23.16 3.42
C GLU B 207 -3.25 -22.01 3.21
N TRP B 208 -3.29 -21.05 4.13
CA TRP B 208 -4.28 -19.94 3.98
C TRP B 208 -3.95 -19.09 2.76
N TYR B 209 -2.67 -18.78 2.52
CA TYR B 209 -2.28 -17.90 1.39
C TYR B 209 -2.67 -18.60 0.06
N ASP B 210 -2.41 -19.89 -0.06
CA ASP B 210 -2.80 -20.66 -1.25
C ASP B 210 -4.32 -20.65 -1.38
N TRP B 211 -5.01 -20.87 -0.27
CA TRP B 211 -6.49 -20.91 -0.30
C TRP B 211 -7.05 -19.58 -0.80
N VAL B 212 -6.64 -18.46 -0.16
CA VAL B 212 -7.30 -17.19 -0.49
C VAL B 212 -7.04 -16.78 -1.94
N GLY B 213 -5.83 -17.01 -2.45
CA GLY B 213 -5.49 -16.71 -3.85
C GLY B 213 -6.36 -17.53 -4.77
N SER B 214 -6.57 -18.80 -4.43
CA SER B 214 -7.42 -19.72 -5.23
C SER B 214 -8.89 -19.31 -5.14
N LEU B 215 -9.37 -18.95 -3.95
CA LEU B 215 -10.78 -18.52 -3.77
C LEU B 215 -11.05 -17.33 -4.67
N VAL B 216 -10.19 -16.32 -4.62
CA VAL B 216 -10.40 -15.06 -5.36
C VAL B 216 -10.44 -15.39 -6.86
N SER B 217 -9.46 -16.16 -7.34
CA SER B 217 -9.37 -16.47 -8.79
C SER B 217 -10.56 -17.36 -9.20
N ASN B 218 -10.97 -18.33 -8.39
CA ASN B 218 -12.05 -19.26 -8.84
C ASN B 218 -13.36 -18.49 -9.00
N TYR B 219 -13.64 -17.53 -8.10
CA TYR B 219 -14.97 -16.89 -8.05
C TYR B 219 -14.90 -15.47 -8.58
N SER B 220 -13.75 -15.05 -9.13
CA SER B 220 -13.55 -13.67 -9.64
C SER B 220 -14.06 -12.66 -8.60
N ILE B 221 -13.57 -12.78 -7.38
CA ILE B 221 -13.94 -11.90 -6.24
C ILE B 221 -13.12 -10.61 -6.36
N ASP B 222 -13.71 -9.43 -6.14
CA ASP B 222 -13.08 -8.13 -6.40
C ASP B 222 -12.41 -7.60 -5.13
N GLY B 223 -12.89 -8.04 -3.96
CA GLY B 223 -12.39 -7.58 -2.66
C GLY B 223 -12.77 -8.54 -1.55
N LEU B 224 -12.08 -8.45 -0.42
CA LEU B 224 -12.38 -9.30 0.75
C LEU B 224 -12.64 -8.42 1.97
N ARG B 225 -13.58 -8.86 2.78
CA ARG B 225 -13.76 -8.34 4.15
C ARG B 225 -13.22 -9.44 5.02
N ILE B 226 -12.23 -9.11 5.83
CA ILE B 226 -11.57 -10.11 6.69
C ILE B 226 -12.09 -10.01 8.11
N ASP B 227 -12.63 -11.11 8.62
CA ASP B 227 -13.14 -11.19 9.99
C ASP B 227 -11.98 -11.22 11.01
N THR B 228 -12.29 -10.79 12.23
CA THR B 228 -11.50 -11.11 13.45
C THR B 228 -10.01 -10.81 13.26
N VAL B 229 -9.68 -9.70 12.63
CA VAL B 229 -8.27 -9.38 12.27
C VAL B 229 -7.42 -9.23 13.54
N LYS B 230 -7.96 -8.64 14.60
CA LYS B 230 -7.13 -8.31 15.78
C LYS B 230 -6.74 -9.63 16.45
N HIS B 231 -7.43 -10.73 16.15
CA HIS B 231 -7.17 -12.01 16.84
C HIS B 231 -6.09 -12.83 16.15
N VAL B 232 -5.50 -12.31 15.09
CA VAL B 232 -4.36 -12.93 14.36
C VAL B 232 -3.16 -11.97 14.40
N GLN B 233 -1.97 -12.49 14.73
CA GLN B 233 -0.78 -11.59 14.87
C GLN B 233 -0.60 -10.81 13.55
N LYS B 234 -0.11 -9.58 13.61
CA LYS B 234 -0.05 -8.69 12.42
C LYS B 234 0.79 -9.28 11.29
N ASP B 235 1.87 -9.99 11.58
CA ASP B 235 2.79 -10.45 10.53
C ASP B 235 2.11 -11.47 9.62
N PHE B 236 0.95 -12.00 10.00
CA PHE B 236 0.20 -12.93 9.12
C PHE B 236 -0.39 -12.17 7.93
N TRP B 237 -0.84 -10.96 8.17
CA TRP B 237 -1.79 -10.28 7.23
C TRP B 237 -1.14 -9.84 5.93
N PRO B 238 0.10 -9.28 5.87
CA PRO B 238 0.61 -8.82 4.58
C PRO B 238 0.63 -9.93 3.51
N GLY B 239 1.11 -11.12 3.87
CA GLY B 239 1.16 -12.23 2.91
C GLY B 239 -0.23 -12.68 2.49
N TYR B 240 -1.21 -12.61 3.40
CA TYR B 240 -2.62 -12.93 3.06
C TYR B 240 -3.19 -11.94 2.06
N ASN B 241 -3.02 -10.65 2.33
CA ASN B 241 -3.53 -9.54 1.47
C ASN B 241 -2.86 -9.71 0.08
N LYS B 242 -1.57 -10.00 0.04
CA LYS B 242 -0.86 -10.05 -1.27
C LYS B 242 -1.31 -11.30 -2.01
N ALA B 243 -1.52 -12.40 -1.28
CA ALA B 243 -1.94 -13.69 -1.89
C ALA B 243 -3.36 -13.53 -2.44
N ALA B 244 -4.24 -12.80 -1.76
CA ALA B 244 -5.61 -12.48 -2.28
C ALA B 244 -5.52 -11.70 -3.58
N GLY B 245 -4.57 -10.76 -3.65
CA GLY B 245 -4.34 -9.94 -4.85
C GLY B 245 -5.41 -8.91 -5.08
N VAL B 246 -6.24 -8.62 -4.06
CA VAL B 246 -7.39 -7.68 -4.15
C VAL B 246 -7.40 -6.87 -2.86
N TYR B 247 -8.04 -5.72 -2.88
CA TYR B 247 -8.36 -4.91 -1.70
C TYR B 247 -8.94 -5.80 -0.60
N CYS B 248 -8.33 -5.71 0.57
CA CYS B 248 -8.84 -6.38 1.80
C CYS B 248 -9.16 -5.30 2.83
N ILE B 249 -10.35 -5.36 3.43
CA ILE B 249 -10.80 -4.46 4.52
C ILE B 249 -11.00 -5.32 5.74
N GLY B 250 -10.24 -5.02 6.77
CA GLY B 250 -10.23 -5.88 7.96
C GLY B 250 -11.20 -5.40 9.02
N GLU B 251 -11.84 -6.37 9.65
CA GLU B 251 -12.60 -6.08 10.88
C GLU B 251 -11.66 -6.06 12.08
N VAL B 252 -11.41 -4.86 12.60
CA VAL B 252 -10.63 -4.65 13.86
C VAL B 252 -11.60 -4.03 14.84
N LEU B 253 -12.14 -4.84 15.72
CA LEU B 253 -13.28 -4.44 16.56
C LEU B 253 -12.74 -3.63 17.74
N ASP B 254 -12.46 -2.35 17.51
CA ASP B 254 -11.96 -1.45 18.58
C ASP B 254 -12.20 -0.02 18.14
N GLY B 255 -12.74 0.79 19.04
CA GLY B 255 -13.06 2.18 18.76
C GLY B 255 -11.86 3.10 18.90
N ASP B 256 -10.75 2.61 19.44
CA ASP B 256 -9.55 3.48 19.59
C ASP B 256 -8.75 3.55 18.28
N PRO B 257 -8.64 4.73 17.61
CA PRO B 257 -7.85 4.81 16.38
C PRO B 257 -6.38 4.44 16.62
N ALA B 258 -5.83 4.60 17.84
CA ALA B 258 -4.43 4.20 18.17
C ALA B 258 -4.25 2.68 18.14
N TYR B 259 -5.33 1.92 18.28
CA TYR B 259 -5.32 0.43 18.25
C TYR B 259 -5.66 -0.04 16.84
N THR B 260 -6.68 0.56 16.26
CA THR B 260 -7.29 0.08 14.99
C THR B 260 -6.52 0.58 13.76
N CYS B 261 -6.19 1.86 13.69
CA CYS B 261 -5.55 2.44 12.47
C CYS B 261 -4.22 1.78 12.13
N PRO B 262 -3.38 1.33 13.10
CA PRO B 262 -2.12 0.66 12.77
C PRO B 262 -2.26 -0.60 11.92
N TYR B 263 -3.46 -1.24 11.93
CA TYR B 263 -3.67 -2.44 11.10
C TYR B 263 -3.60 -2.07 9.62
N GLN B 264 -3.80 -0.79 9.27
CA GLN B 264 -3.61 -0.36 7.87
C GLN B 264 -2.14 -0.46 7.44
N ASN B 265 -1.19 -0.75 8.35
CA ASN B 265 0.21 -0.96 7.89
C ASN B 265 0.43 -2.45 7.55
N VAL B 266 -0.55 -3.33 7.76
CA VAL B 266 -0.40 -4.75 7.30
C VAL B 266 -1.55 -5.21 6.40
N MET B 267 -2.54 -4.35 6.15
CA MET B 267 -3.72 -4.68 5.34
C MET B 267 -4.15 -3.38 4.66
N ASP B 268 -4.81 -3.44 3.51
CA ASP B 268 -5.18 -2.21 2.77
C ASP B 268 -6.11 -1.31 3.58
N GLY B 269 -7.18 -1.87 4.15
CA GLY B 269 -8.15 -1.05 4.85
C GLY B 269 -8.68 -1.71 6.10
N VAL B 270 -9.34 -0.94 6.92
CA VAL B 270 -10.07 -1.51 8.09
C VAL B 270 -11.43 -0.85 8.15
N LEU B 271 -12.38 -1.55 8.76
CA LEU B 271 -13.72 -0.98 9.03
C LEU B 271 -13.53 0.17 10.00
N ASN B 272 -14.26 1.27 9.80
CA ASN B 272 -14.05 2.49 10.60
C ASN B 272 -14.84 2.38 11.92
N TYR B 273 -14.40 1.48 12.79
CA TYR B 273 -14.90 1.36 14.18
C TYR B 273 -14.56 2.63 14.96
N PRO B 274 -13.42 3.33 14.73
CA PRO B 274 -13.22 4.61 15.44
C PRO B 274 -14.31 5.64 15.18
N ILE B 275 -14.78 5.79 13.94
CA ILE B 275 -15.86 6.75 13.63
C ILE B 275 -17.22 6.19 14.10
N TYR B 276 -17.39 4.88 14.06
CA TYR B 276 -18.68 4.21 14.42
C TYR B 276 -19.25 4.76 15.73
N TYR B 277 -18.49 4.71 16.82
CA TYR B 277 -19.00 5.04 18.18
C TYR B 277 -19.45 6.49 18.23
N PRO B 278 -18.63 7.50 17.89
CA PRO B 278 -19.13 8.87 17.95
C PRO B 278 -20.17 9.20 16.86
N LEU B 279 -20.17 8.49 15.73
CA LEU B 279 -21.17 8.69 14.69
C LEU B 279 -22.53 8.25 15.25
N LEU B 280 -22.58 7.08 15.81
CA LEU B 280 -23.83 6.58 16.41
C LEU B 280 -24.28 7.56 17.49
N ASN B 281 -23.38 7.93 18.40
CA ASN B 281 -23.73 8.78 19.56
C ASN B 281 -24.26 10.14 19.09
N ALA B 282 -23.71 10.70 18.02
CA ALA B 282 -24.09 12.03 17.52
C ALA B 282 -25.53 12.02 17.04
N PHE B 283 -25.95 10.96 16.36
CA PHE B 283 -27.27 10.98 15.68
C PHE B 283 -28.32 10.10 16.35
N LYS B 284 -27.98 9.26 17.34
CA LYS B 284 -29.02 8.37 17.93
C LYS B 284 -29.92 9.13 18.90
N SER B 285 -29.56 10.36 19.25
CA SER B 285 -30.39 11.19 20.16
C SER B 285 -30.22 12.67 19.82
N THR B 286 -31.23 13.45 20.12
CA THR B 286 -31.20 14.93 19.96
C THR B 286 -30.18 15.56 20.91
N SER B 287 -29.64 14.84 21.88
CA SER B 287 -28.56 15.40 22.73
C SER B 287 -27.18 14.83 22.33
N GLY B 288 -27.04 14.26 21.15
CA GLY B 288 -25.79 13.58 20.81
C GLY B 288 -24.65 14.57 20.61
N SER B 289 -23.40 14.15 20.86
CA SER B 289 -22.21 15.03 20.77
C SER B 289 -21.72 15.19 19.33
N MET B 290 -21.91 16.37 18.77
CA MET B 290 -21.31 16.72 17.43
C MET B 290 -19.80 16.94 17.61
N ASP B 291 -19.38 17.44 18.76
CA ASP B 291 -17.94 17.65 19.10
C ASP B 291 -17.18 16.33 18.93
N ASP B 292 -17.67 15.24 19.51
CA ASP B 292 -16.90 13.97 19.52
C ASP B 292 -16.80 13.44 18.08
N LEU B 293 -17.84 13.58 17.27
CA LEU B 293 -17.79 13.19 15.85
C LEU B 293 -16.81 14.08 15.09
N TYR B 294 -16.95 15.39 15.26
CA TYR B 294 -16.04 16.37 14.59
C TYR B 294 -14.59 16.02 14.92
N ASN B 295 -14.33 15.77 16.20
CA ASN B 295 -12.95 15.53 16.69
C ASN B 295 -12.47 14.19 16.10
N MET B 296 -13.34 13.19 16.06
CA MET B 296 -12.88 11.87 15.56
C MET B 296 -12.63 11.95 14.04
N ILE B 297 -13.40 12.72 13.26
CA ILE B 297 -13.10 12.85 11.82
C ILE B 297 -11.65 13.39 11.66
N ASN B 298 -11.27 14.37 12.48
CA ASN B 298 -9.92 15.03 12.33
C ASN B 298 -8.82 14.10 12.84
N THR B 299 -9.08 13.35 13.89
CA THR B 299 -8.14 12.35 14.43
C THR B 299 -7.90 11.26 13.40
N VAL B 300 -8.95 10.68 12.82
CA VAL B 300 -8.74 9.61 11.79
C VAL B 300 -8.05 10.20 10.55
N LYS B 301 -8.47 11.39 10.11
CA LYS B 301 -7.85 12.10 8.96
C LYS B 301 -6.32 12.18 9.14
N SER B 302 -5.86 12.51 10.34
CA SER B 302 -4.43 12.74 10.67
C SER B 302 -3.71 11.43 10.98
N ASP B 303 -4.31 10.59 11.82
CA ASP B 303 -3.59 9.52 12.56
C ASP B 303 -3.79 8.14 11.91
N CYS B 304 -4.72 7.99 10.97
CA CYS B 304 -4.90 6.74 10.22
C CYS B 304 -4.04 6.82 8.97
N PRO B 305 -3.27 5.77 8.58
CA PRO B 305 -2.51 5.80 7.34
C PRO B 305 -3.27 6.27 6.10
N ASP B 306 -4.50 5.79 5.85
CA ASP B 306 -5.34 6.34 4.74
C ASP B 306 -6.83 6.24 5.08
N SER B 307 -7.39 7.34 5.61
CA SER B 307 -8.82 7.46 5.92
C SER B 307 -9.70 7.11 4.70
N THR B 308 -9.17 7.28 3.48
CA THR B 308 -9.98 7.08 2.25
C THR B 308 -10.10 5.60 1.88
N LEU B 309 -9.42 4.72 2.62
CA LEU B 309 -9.46 3.25 2.41
C LEU B 309 -10.15 2.57 3.61
N LEU B 310 -10.79 3.37 4.48
CA LEU B 310 -11.56 2.85 5.63
C LEU B 310 -13.00 2.64 5.19
N GLY B 311 -13.75 1.79 5.88
CA GLY B 311 -15.17 1.51 5.54
C GLY B 311 -16.09 2.14 6.56
N THR B 312 -16.93 3.07 6.14
CA THR B 312 -17.76 3.85 7.11
C THR B 312 -19.08 3.12 7.27
N PHE B 313 -19.58 3.04 8.49
CA PHE B 313 -20.82 2.30 8.79
C PHE B 313 -21.40 2.85 10.09
N VAL B 314 -22.70 2.60 10.30
CA VAL B 314 -23.34 2.79 11.63
C VAL B 314 -24.16 1.56 12.02
N GLU B 315 -24.27 0.57 11.14
CA GLU B 315 -25.11 -0.63 11.35
C GLU B 315 -24.36 -1.85 10.85
N ASN B 316 -24.41 -2.95 11.59
CA ASN B 316 -23.91 -4.25 11.16
C ASN B 316 -24.60 -5.33 12.03
N HIS B 317 -24.15 -6.54 11.87
CA HIS B 317 -24.73 -7.77 12.45
C HIS B 317 -24.12 -8.02 13.83
N ASP B 318 -23.26 -7.12 14.31
CA ASP B 318 -22.57 -7.29 15.61
C ASP B 318 -22.97 -6.18 16.60
N ASN B 319 -23.84 -5.27 16.24
CA ASN B 319 -24.30 -4.18 17.15
C ASN B 319 -25.79 -4.00 16.95
N PRO B 320 -26.50 -3.33 17.88
CA PRO B 320 -27.91 -3.02 17.65
C PRO B 320 -28.01 -2.13 16.42
N ARG B 321 -29.05 -2.32 15.65
CA ARG B 321 -29.34 -1.41 14.55
C ARG B 321 -29.61 0.01 15.05
N PHE B 322 -29.32 0.96 14.18
CA PHE B 322 -29.52 2.40 14.47
C PHE B 322 -30.97 2.58 14.99
N ALA B 323 -31.98 2.07 14.27
CA ALA B 323 -33.38 2.33 14.68
C ALA B 323 -33.73 1.65 16.01
N SER B 324 -32.89 0.72 16.52
CA SER B 324 -33.14 0.13 17.85
C SER B 324 -32.87 1.19 18.92
N TYR B 325 -32.07 2.20 18.62
CA TYR B 325 -31.80 3.34 19.54
C TYR B 325 -32.87 4.43 19.42
N THR B 326 -33.29 4.74 18.19
CA THR B 326 -34.27 5.81 17.93
C THR B 326 -35.01 5.44 16.66
N ASN B 327 -36.34 5.58 16.67
CA ASN B 327 -37.12 5.45 15.43
C ASN B 327 -37.27 6.77 14.70
N ASP B 328 -36.58 7.82 15.11
CA ASP B 328 -36.71 9.14 14.42
C ASP B 328 -36.17 8.96 12.99
N ILE B 329 -37.03 9.14 12.01
CA ILE B 329 -36.63 8.95 10.59
C ILE B 329 -35.63 10.03 10.16
N ALA B 330 -35.72 11.27 10.70
CA ALA B 330 -34.76 12.33 10.30
C ALA B 330 -33.35 11.93 10.81
N LEU B 331 -33.27 11.39 12.00
CA LEU B 331 -31.96 11.00 12.54
C LEU B 331 -31.34 9.90 11.67
N ALA B 332 -32.14 8.92 11.23
CA ALA B 332 -31.67 7.81 10.39
C ALA B 332 -31.20 8.40 9.04
N LYS B 333 -31.89 9.42 8.52
CA LYS B 333 -31.50 9.98 7.19
C LYS B 333 -30.17 10.70 7.35
N ASN B 334 -29.95 11.42 8.45
CA ASN B 334 -28.67 12.16 8.63
C ASN B 334 -27.50 11.18 8.76
N VAL B 335 -27.67 10.11 9.55
CA VAL B 335 -26.58 9.14 9.77
C VAL B 335 -26.31 8.39 8.46
N ALA B 336 -27.33 8.12 7.65
CA ALA B 336 -27.10 7.49 6.34
C ALA B 336 -26.35 8.46 5.40
N ALA B 337 -26.72 9.76 5.41
CA ALA B 337 -26.04 10.76 4.56
C ALA B 337 -24.56 10.79 4.97
N PHE B 338 -24.27 10.76 6.26
CA PHE B 338 -22.87 10.79 6.74
C PHE B 338 -22.09 9.62 6.16
N ILE B 339 -22.64 8.42 6.29
CA ILE B 339 -21.97 7.16 5.82
C ILE B 339 -21.59 7.30 4.35
N ILE B 340 -22.52 7.82 3.54
CA ILE B 340 -22.26 7.86 2.09
C ILE B 340 -21.25 8.98 1.77
N LEU B 341 -21.24 10.08 2.49
CA LEU B 341 -20.41 11.25 2.08
C LEU B 341 -19.10 11.39 2.89
N ASN B 342 -18.82 10.51 3.83
CA ASN B 342 -17.53 10.54 4.58
C ASN B 342 -16.39 10.04 3.67
N ASP B 343 -15.16 10.30 4.10
CA ASP B 343 -13.97 9.65 3.50
C ASP B 343 -14.24 8.16 3.48
N GLY B 344 -13.70 7.51 2.47
CA GLY B 344 -13.65 6.05 2.49
C GLY B 344 -14.88 5.46 1.86
N ILE B 345 -15.11 4.20 2.15
CA ILE B 345 -16.07 3.41 1.35
C ILE B 345 -17.36 3.30 2.16
N PRO B 346 -18.50 3.84 1.70
CA PRO B 346 -19.75 3.70 2.45
C PRO B 346 -20.17 2.23 2.58
N ILE B 347 -20.67 1.84 3.76
CA ILE B 347 -21.16 0.48 3.94
C ILE B 347 -22.50 0.58 4.66
N ILE B 348 -23.53 0.19 3.96
CA ILE B 348 -24.92 0.13 4.47
C ILE B 348 -25.29 -1.32 4.68
N TYR B 349 -25.90 -1.67 5.84
CA TYR B 349 -26.24 -3.07 6.19
C TYR B 349 -27.70 -3.34 5.79
N ALA B 350 -27.88 -4.32 4.91
CA ALA B 350 -29.20 -4.80 4.47
C ALA B 350 -30.23 -4.71 5.60
N GLY B 351 -31.31 -3.99 5.36
CA GLY B 351 -32.35 -3.70 6.37
C GLY B 351 -32.27 -2.29 6.91
N GLN B 352 -31.10 -1.64 6.86
CA GLN B 352 -30.95 -0.25 7.34
C GLN B 352 -31.87 0.65 6.49
N GLU B 353 -31.97 0.36 5.19
CA GLU B 353 -32.75 1.17 4.24
C GLU B 353 -34.24 0.97 4.48
N GLN B 354 -34.64 -0.08 5.18
CA GLN B 354 -36.06 -0.31 5.54
C GLN B 354 -36.27 -0.03 7.03
N HIS B 355 -35.34 0.69 7.67
CA HIS B 355 -35.48 1.22 9.03
C HIS B 355 -35.65 0.08 10.04
N TYR B 356 -34.93 -1.03 9.84
CA TYR B 356 -35.01 -2.20 10.72
C TYR B 356 -34.47 -1.81 12.10
N ALA B 357 -35.08 -2.33 13.17
CA ALA B 357 -34.81 -1.85 14.55
C ALA B 357 -34.39 -3.00 15.48
N GLY B 358 -33.92 -4.12 14.94
CA GLY B 358 -33.39 -5.23 15.77
C GLY B 358 -32.20 -4.82 16.62
N GLY B 359 -32.18 -5.31 17.85
CA GLY B 359 -31.08 -5.10 18.78
C GLY B 359 -29.97 -6.09 18.51
N ASN B 360 -29.22 -6.43 19.56
CA ASN B 360 -28.04 -7.30 19.43
C ASN B 360 -28.41 -8.69 18.91
N ASP B 361 -27.43 -9.29 18.26
CA ASP B 361 -27.44 -10.67 17.75
C ASP B 361 -28.20 -11.57 18.70
N PRO B 362 -29.21 -12.30 18.23
CA PRO B 362 -29.56 -12.44 16.81
C PRO B 362 -30.58 -11.46 16.25
N ALA B 363 -31.03 -10.46 17.01
CA ALA B 363 -32.18 -9.62 16.64
C ALA B 363 -31.84 -8.73 15.43
N ASN B 364 -30.55 -8.53 15.12
CA ASN B 364 -30.09 -7.64 14.01
C ASN B 364 -29.82 -8.48 12.74
N ARG B 365 -30.28 -9.73 12.69
CA ARG B 365 -30.10 -10.57 11.48
C ARG B 365 -31.45 -10.79 10.82
N GLU B 366 -32.29 -9.77 10.82
CA GLU B 366 -33.64 -9.84 10.20
C GLU B 366 -33.50 -10.15 8.72
N ALA B 367 -34.48 -10.88 8.20
CA ALA B 367 -34.58 -11.18 6.76
C ALA B 367 -35.01 -9.91 6.01
N THR B 368 -34.28 -9.54 4.98
CA THR B 368 -34.56 -8.33 4.16
C THR B 368 -35.88 -8.55 3.43
N TRP B 369 -36.18 -9.82 3.09
CA TRP B 369 -37.34 -10.12 2.21
C TRP B 369 -38.64 -9.81 2.93
N LEU B 370 -38.69 -9.89 4.24
CA LEU B 370 -39.94 -9.60 5.00
C LEU B 370 -40.33 -8.14 4.88
N SER B 371 -39.46 -7.25 4.41
CA SER B 371 -39.81 -5.84 4.16
C SER B 371 -40.70 -5.76 2.90
N GLY B 372 -40.62 -6.77 2.03
CA GLY B 372 -41.16 -6.70 0.65
C GLY B 372 -40.31 -5.84 -0.27
N TYR B 373 -39.15 -5.37 0.18
CA TYR B 373 -38.19 -4.64 -0.71
C TYR B 373 -38.82 -3.41 -1.36
N PRO B 374 -39.55 -2.55 -0.65
CA PRO B 374 -40.10 -1.34 -1.28
C PRO B 374 -39.01 -0.34 -1.67
N THR B 375 -39.10 0.18 -2.88
CA THR B 375 -38.08 1.13 -3.40
C THR B 375 -38.55 2.54 -3.13
N ASP B 376 -39.65 2.73 -2.40
CA ASP B 376 -40.17 4.10 -2.13
C ASP B 376 -40.17 4.34 -0.63
N SER B 377 -39.46 3.54 0.15
CA SER B 377 -39.26 3.82 1.58
C SER B 377 -38.40 5.09 1.74
N GLU B 378 -38.60 5.83 2.83
CA GLU B 378 -37.86 7.08 3.11
C GLU B 378 -36.34 6.88 2.96
N LEU B 379 -35.78 5.84 3.57
CA LEU B 379 -34.31 5.66 3.59
C LEU B 379 -33.79 5.07 2.28
N TYR B 380 -34.57 4.27 1.58
CA TYR B 380 -34.23 3.82 0.21
C TYR B 380 -34.02 5.07 -0.64
N LYS B 381 -34.93 6.02 -0.55
CA LYS B 381 -34.84 7.21 -1.44
C LYS B 381 -33.72 8.14 -0.95
N LEU B 382 -33.51 8.27 0.36
CA LEU B 382 -32.40 9.08 0.91
C LEU B 382 -31.09 8.50 0.39
N ILE B 383 -30.90 7.19 0.55
CA ILE B 383 -29.63 6.53 0.17
C ILE B 383 -29.44 6.65 -1.34
N ALA B 384 -30.52 6.55 -2.11
CA ALA B 384 -30.42 6.65 -3.58
C ALA B 384 -29.92 8.05 -3.95
N SER B 385 -30.43 9.07 -3.27
CA SER B 385 -30.07 10.49 -3.56
C SER B 385 -28.61 10.76 -3.19
N ALA B 386 -28.17 10.26 -2.03
CA ALA B 386 -26.80 10.47 -1.52
C ALA B 386 -25.82 9.72 -2.39
N ASN B 387 -26.10 8.46 -2.74
CA ASN B 387 -25.19 7.69 -3.63
C ASN B 387 -25.21 8.36 -5.01
N ALA B 388 -26.34 8.91 -5.44
CA ALA B 388 -26.41 9.51 -6.79
C ALA B 388 -25.38 10.64 -6.89
N ILE B 389 -25.41 11.58 -5.94
CA ILE B 389 -24.50 12.76 -5.95
C ILE B 389 -23.07 12.28 -5.74
N ARG B 390 -22.84 11.27 -4.89
CA ARG B 390 -21.47 10.79 -4.68
C ARG B 390 -20.94 10.16 -5.98
N ASN B 391 -21.75 9.34 -6.65
CA ASN B 391 -21.32 8.64 -7.89
C ASN B 391 -21.08 9.74 -8.96
N TYR B 392 -21.91 10.76 -8.98
CA TYR B 392 -21.79 11.80 -10.01
C TYR B 392 -20.54 12.67 -9.75
N ALA B 393 -20.32 13.10 -8.50
CA ALA B 393 -19.18 13.95 -8.09
C ALA B 393 -17.89 13.21 -8.47
N ILE B 394 -17.84 11.89 -8.19
CA ILE B 394 -16.65 11.05 -8.49
C ILE B 394 -16.43 10.98 -10.00
N SER B 395 -17.50 10.85 -10.79
CA SER B 395 -17.40 10.76 -12.28
C SER B 395 -16.83 12.06 -12.84
N LYS B 396 -16.98 13.21 -12.16
CA LYS B 396 -16.54 14.54 -12.66
C LYS B 396 -15.32 15.07 -11.91
N ASP B 397 -14.78 14.35 -10.92
CA ASP B 397 -13.74 14.91 -10.03
C ASP B 397 -12.85 13.75 -9.58
N THR B 398 -11.71 13.60 -10.26
CA THR B 398 -10.75 12.50 -10.02
C THR B 398 -10.15 12.74 -8.64
N GLY B 399 -10.25 13.95 -8.07
CA GLY B 399 -9.73 14.26 -6.73
C GLY B 399 -10.69 13.94 -5.59
N PHE B 400 -11.97 13.63 -5.86
CA PHE B 400 -13.00 13.51 -4.78
C PHE B 400 -12.60 12.39 -3.81
N VAL B 401 -12.24 11.21 -4.29
CA VAL B 401 -12.02 10.04 -3.40
C VAL B 401 -10.74 10.23 -2.58
N THR B 402 -9.77 11.04 -3.01
CA THR B 402 -8.53 11.27 -2.23
C THR B 402 -8.58 12.59 -1.47
N TYR B 403 -9.59 13.44 -1.65
CA TYR B 403 -9.76 14.68 -0.86
C TYR B 403 -10.22 14.27 0.53
N LYS B 404 -9.39 14.47 1.53
CA LYS B 404 -9.80 14.05 2.90
C LYS B 404 -10.91 14.99 3.38
N ASN B 405 -12.05 14.41 3.69
CA ASN B 405 -13.22 15.08 4.34
C ASN B 405 -12.78 16.08 5.42
N TRP B 406 -13.30 17.30 5.31
CA TRP B 406 -12.92 18.46 6.12
C TRP B 406 -14.15 18.92 6.89
N PRO B 407 -14.24 18.68 8.20
CA PRO B 407 -15.32 19.27 9.01
C PRO B 407 -15.12 20.80 9.15
N ILE B 408 -16.12 21.57 8.72
CA ILE B 408 -15.99 23.06 8.57
C ILE B 408 -16.82 23.79 9.61
N TYR B 409 -17.72 23.11 10.31
CA TYR B 409 -18.59 23.77 11.30
C TYR B 409 -19.20 22.73 12.23
N LYS B 410 -19.40 23.13 13.48
CA LYS B 410 -20.29 22.36 14.38
C LYS B 410 -20.94 23.33 15.34
N ASP B 411 -22.14 23.00 15.79
CA ASP B 411 -22.73 23.58 17.02
C ASP B 411 -23.35 22.43 17.82
N ASP B 412 -24.23 22.74 18.78
CA ASP B 412 -24.83 21.69 19.64
C ASP B 412 -25.58 20.66 18.79
N THR B 413 -26.18 21.04 17.68
CA THR B 413 -27.10 20.14 16.95
C THR B 413 -26.71 20.00 15.48
N THR B 414 -25.51 20.44 15.09
CA THR B 414 -25.16 20.52 13.65
C THR B 414 -23.69 20.17 13.44
N ILE B 415 -23.43 19.51 12.31
CA ILE B 415 -22.07 19.36 11.77
C ILE B 415 -22.12 19.53 10.27
N ALA B 416 -21.13 20.26 9.77
CA ALA B 416 -21.00 20.49 8.33
C ALA B 416 -19.58 20.06 7.91
N MET B 417 -19.52 19.47 6.73
CA MET B 417 -18.24 18.95 6.17
C MET B 417 -18.18 19.19 4.65
N ARG B 418 -16.96 19.23 4.17
CA ARG B 418 -16.61 19.60 2.78
C ARG B 418 -15.73 18.49 2.23
N LYS B 419 -16.02 18.07 1.01
CA LYS B 419 -15.20 17.04 0.33
C LYS B 419 -15.24 17.31 -1.16
N GLY B 420 -14.05 17.38 -1.76
CA GLY B 420 -13.94 17.55 -3.22
C GLY B 420 -13.10 18.74 -3.59
N THR B 421 -12.51 18.65 -4.77
CA THR B 421 -11.72 19.72 -5.43
C THR B 421 -12.53 21.03 -5.44
N ASP B 422 -11.86 22.11 -5.04
CA ASP B 422 -12.41 23.49 -5.08
C ASP B 422 -13.13 23.69 -6.41
N GLY B 423 -14.35 24.22 -6.34
CA GLY B 423 -15.25 24.43 -7.48
C GLY B 423 -16.15 23.23 -7.75
N SER B 424 -15.91 22.06 -7.14
CA SER B 424 -16.79 20.89 -7.30
C SER B 424 -17.07 20.24 -5.95
N GLN B 425 -16.91 20.96 -4.86
CA GLN B 425 -16.95 20.32 -3.52
C GLN B 425 -18.42 20.02 -3.17
N ILE B 426 -18.67 18.87 -2.58
CA ILE B 426 -19.96 18.60 -1.89
C ILE B 426 -19.81 19.16 -0.49
N VAL B 427 -20.76 19.98 -0.05
CA VAL B 427 -20.82 20.44 1.35
C VAL B 427 -22.09 19.86 1.95
N THR B 428 -21.90 19.14 3.03
CA THR B 428 -22.98 18.39 3.72
C THR B 428 -23.23 19.05 5.07
N ILE B 429 -24.51 19.32 5.35
CA ILE B 429 -24.93 19.85 6.67
C ILE B 429 -25.88 18.82 7.29
N LEU B 430 -25.45 18.28 8.43
CA LEU B 430 -26.21 17.28 9.19
C LEU B 430 -26.62 17.82 10.54
N SER B 431 -27.74 17.31 11.03
CA SER B 431 -28.44 17.80 12.21
C SER B 431 -28.90 16.63 13.06
N ASN B 432 -28.84 16.75 14.38
CA ASN B 432 -29.50 15.78 15.25
C ASN B 432 -30.70 16.42 15.93
N LYS B 433 -31.32 17.45 15.33
CA LYS B 433 -32.59 18.02 15.88
C LYS B 433 -33.74 17.02 15.73
N GLY B 434 -33.69 16.09 14.77
CA GLY B 434 -34.75 15.08 14.63
C GLY B 434 -35.97 15.66 13.93
N ALA B 435 -37.01 14.84 13.80
CA ALA B 435 -38.15 15.11 12.88
C ALA B 435 -38.95 16.32 13.39
N SER B 436 -38.83 16.68 14.65
CA SER B 436 -39.56 17.83 15.24
C SER B 436 -38.63 19.06 15.34
N GLY B 437 -37.48 19.05 14.64
CA GLY B 437 -36.55 20.19 14.63
C GLY B 437 -37.23 21.46 14.10
N ASP B 438 -36.92 22.60 14.71
CA ASP B 438 -37.47 23.92 14.31
C ASP B 438 -36.92 24.32 12.94
N SER B 439 -37.61 25.26 12.30
CA SER B 439 -37.22 25.87 11.01
C SER B 439 -36.39 27.14 11.30
N TYR B 440 -35.27 27.28 10.59
CA TYR B 440 -34.32 28.41 10.77
C TYR B 440 -33.38 28.41 9.56
N THR B 441 -32.56 29.44 9.49
CA THR B 441 -31.49 29.57 8.47
C THR B 441 -30.15 29.53 9.20
N LEU B 442 -29.32 28.55 8.85
CA LEU B 442 -27.92 28.44 9.31
C LEU B 442 -27.02 29.25 8.38
N SER B 443 -26.26 30.21 8.92
CA SER B 443 -25.27 31.00 8.13
C SER B 443 -23.93 30.27 8.17
N LEU B 444 -23.63 29.53 7.11
CA LEU B 444 -22.48 28.59 7.08
C LEU B 444 -21.26 29.25 6.42
N SER B 445 -20.19 29.46 7.19
CA SER B 445 -18.87 29.92 6.69
C SER B 445 -17.97 28.70 6.41
N GLY B 446 -17.01 28.86 5.51
CA GLY B 446 -15.94 27.87 5.24
C GLY B 446 -16.31 26.86 4.17
N ALA B 447 -17.41 27.05 3.44
CA ALA B 447 -17.88 26.10 2.40
C ALA B 447 -16.99 26.21 1.15
N GLY B 448 -16.40 27.38 0.95
CA GLY B 448 -15.40 27.65 -0.09
C GLY B 448 -16.02 27.89 -1.46
N TYR B 449 -17.33 28.13 -1.54
CA TYR B 449 -17.98 28.48 -2.84
C TYR B 449 -17.82 29.99 -3.08
N THR B 450 -17.99 30.41 -4.32
CA THR B 450 -17.82 31.84 -4.70
C THR B 450 -19.07 32.64 -4.31
N ALA B 451 -18.91 33.86 -3.82
CA ALA B 451 -20.05 34.76 -3.46
C ALA B 451 -21.00 34.80 -4.65
N GLY B 452 -22.32 34.62 -4.40
CA GLY B 452 -23.36 34.71 -5.42
C GLY B 452 -23.56 33.44 -6.22
N GLN B 453 -22.73 32.39 -6.02
CA GLN B 453 -22.85 31.14 -6.80
C GLN B 453 -24.16 30.42 -6.45
N GLN B 454 -24.78 29.76 -7.42
CA GLN B 454 -26.01 28.94 -7.23
C GLN B 454 -25.61 27.52 -6.83
N LEU B 455 -26.17 27.01 -5.74
CA LEU B 455 -25.94 25.61 -5.28
C LEU B 455 -27.26 24.87 -5.39
N THR B 456 -27.20 23.56 -5.59
CA THR B 456 -28.38 22.67 -5.52
C THR B 456 -28.28 21.92 -4.21
N GLU B 457 -29.38 21.93 -3.46
CA GLU B 457 -29.55 21.03 -2.29
C GLU B 457 -30.11 19.73 -2.89
N VAL B 458 -29.26 18.71 -3.06
CA VAL B 458 -29.55 17.56 -3.96
C VAL B 458 -30.43 16.49 -3.29
N ILE B 459 -30.68 16.58 -1.98
CA ILE B 459 -31.61 15.65 -1.29
C ILE B 459 -33.04 16.11 -1.60
N GLY B 460 -33.34 17.40 -1.36
CA GLY B 460 -34.70 17.96 -1.58
C GLY B 460 -34.86 18.59 -2.95
N CYS B 461 -33.80 18.72 -3.75
CA CYS B 461 -33.83 19.37 -5.10
C CYS B 461 -34.37 20.80 -5.02
N THR B 462 -33.77 21.64 -4.19
CA THR B 462 -34.01 23.11 -4.09
C THR B 462 -32.70 23.83 -4.42
N THR B 463 -32.76 25.14 -4.62
CA THR B 463 -31.56 25.97 -4.88
C THR B 463 -31.29 26.87 -3.67
N VAL B 464 -30.01 27.11 -3.39
CA VAL B 464 -29.57 28.09 -2.38
C VAL B 464 -28.51 28.96 -3.08
N THR B 465 -28.53 30.26 -2.83
CA THR B 465 -27.52 31.22 -3.35
C THR B 465 -26.51 31.60 -2.27
N VAL B 466 -25.22 31.55 -2.59
CA VAL B 466 -24.15 31.94 -1.62
C VAL B 466 -24.26 33.45 -1.37
N GLY B 467 -24.11 33.91 -0.14
CA GLY B 467 -24.12 35.32 0.26
C GLY B 467 -22.98 36.07 -0.43
N SER B 468 -23.04 37.40 -0.48
CA SER B 468 -21.97 38.22 -1.10
C SER B 468 -20.74 38.24 -0.17
N ASP B 469 -20.95 37.85 1.09
CA ASP B 469 -19.89 37.63 2.11
C ASP B 469 -19.27 36.23 1.91
N GLY B 470 -19.82 35.40 1.02
CA GLY B 470 -19.36 34.02 0.78
C GLY B 470 -19.98 33.02 1.75
N ASN B 471 -20.79 33.45 2.71
CA ASN B 471 -21.48 32.53 3.65
C ASN B 471 -22.67 31.91 2.92
N VAL B 472 -23.02 30.68 3.29
CA VAL B 472 -24.17 29.97 2.66
C VAL B 472 -25.32 30.01 3.65
N PRO B 473 -26.46 30.58 3.24
CA PRO B 473 -27.64 30.61 4.09
C PRO B 473 -28.41 29.30 3.86
N VAL B 474 -28.19 28.31 4.73
CA VAL B 474 -28.76 26.93 4.58
C VAL B 474 -30.12 26.89 5.29
N PRO B 475 -31.22 26.59 4.56
CA PRO B 475 -32.54 26.44 5.15
C PRO B 475 -32.54 25.09 5.91
N MET B 476 -32.77 25.15 7.22
CA MET B 476 -32.85 23.97 8.11
C MET B 476 -34.30 23.82 8.56
N ALA B 477 -34.81 22.60 8.47
CA ALA B 477 -36.22 22.23 8.70
C ALA B 477 -36.33 20.71 8.80
N GLY B 478 -37.27 20.21 9.60
CA GLY B 478 -37.58 18.78 9.73
C GLY B 478 -36.39 17.97 10.21
N GLY B 479 -35.38 18.63 10.78
CA GLY B 479 -34.09 18.00 11.14
C GLY B 479 -33.46 17.32 9.94
N LEU B 480 -33.74 17.77 8.72
CA LEU B 480 -33.35 17.03 7.50
C LEU B 480 -31.89 17.32 7.17
N PRO B 481 -31.14 16.34 6.61
CA PRO B 481 -29.82 16.61 6.08
C PRO B 481 -29.89 17.47 4.83
N ARG B 482 -28.85 18.26 4.60
CA ARG B 482 -28.74 19.05 3.36
C ARG B 482 -27.41 18.69 2.70
N VAL B 483 -27.42 18.56 1.39
CA VAL B 483 -26.18 18.25 0.63
C VAL B 483 -26.11 19.20 -0.55
N LEU B 484 -25.09 20.04 -0.52
CA LEU B 484 -24.97 21.18 -1.46
C LEU B 484 -23.92 20.83 -2.49
N TYR B 485 -24.18 21.19 -3.73
CA TYR B 485 -23.26 20.98 -4.86
C TYR B 485 -23.49 22.06 -5.90
N PRO B 486 -22.44 22.60 -6.56
CA PRO B 486 -22.69 23.68 -7.52
C PRO B 486 -23.67 23.31 -8.64
N THR B 487 -24.66 24.18 -8.86
CA THR B 487 -25.72 23.94 -9.87
C THR B 487 -25.07 23.85 -11.27
N GLU B 488 -24.08 24.72 -11.57
CA GLU B 488 -23.36 24.76 -12.88
C GLU B 488 -22.72 23.39 -13.16
N LYS B 489 -22.26 22.68 -12.11
CA LYS B 489 -21.57 21.37 -12.29
C LYS B 489 -22.55 20.21 -12.51
N LEU B 490 -23.84 20.42 -12.32
CA LEU B 490 -24.89 19.39 -12.52
C LEU B 490 -25.39 19.43 -13.97
N ALA B 491 -24.91 20.38 -14.77
CA ALA B 491 -25.39 20.63 -16.16
C ALA B 491 -25.34 19.31 -16.95
N GLY B 492 -26.49 18.89 -17.49
CA GLY B 492 -26.61 17.71 -18.36
C GLY B 492 -26.82 16.43 -17.57
N SER B 493 -26.64 16.48 -16.25
CA SER B 493 -26.82 15.31 -15.35
C SER B 493 -28.31 15.04 -15.14
N LYS B 494 -28.61 13.92 -14.47
CA LYS B 494 -29.99 13.44 -14.18
C LYS B 494 -30.38 13.79 -12.75
N ILE B 495 -29.57 14.55 -12.02
CA ILE B 495 -29.83 14.84 -10.58
C ILE B 495 -30.73 16.08 -10.49
N CYS B 496 -31.86 15.98 -9.80
CA CYS B 496 -32.84 17.08 -9.58
C CYS B 496 -33.34 17.63 -10.93
N SER B 497 -33.70 16.72 -11.85
CA SER B 497 -34.23 17.04 -13.19
C SER B 497 -35.76 17.13 -13.12
C1 NAG C . 25.36 -19.52 -21.11
C2 NAG C . 25.28 -18.61 -22.35
C3 NAG C . 24.74 -19.34 -23.59
C4 NAG C . 25.54 -20.60 -23.90
C5 NAG C . 25.89 -21.31 -22.60
C6 NAG C . 27.02 -22.30 -22.89
C7 NAG C . 24.94 -16.26 -21.70
C8 NAG C . 24.06 -15.06 -21.63
N2 NAG C . 24.43 -17.43 -22.13
O3 NAG C . 24.75 -18.42 -24.69
O4 NAG C . 24.77 -21.55 -24.67
O5 NAG C . 26.33 -20.52 -21.46
O6 NAG C . 26.48 -23.36 -22.13
O7 NAG C . 26.12 -16.17 -21.44
C1 EDO D . 22.32 24.24 3.76
O1 EDO D . 22.24 24.96 4.96
C2 EDO D . 21.01 23.77 3.26
O2 EDO D . 19.93 24.73 3.27
C1 EDO E . 24.61 6.17 -20.02
O1 EDO E . 24.31 6.26 -18.64
C2 EDO E . 24.99 7.47 -20.60
O2 EDO E . 25.98 8.14 -19.85
CA CA F . 11.57 0.62 -27.15
C1 NAG G . -10.05 -23.43 -7.00
C2 NAG G . -10.08 -24.21 -5.69
C3 NAG G . -8.89 -25.18 -5.61
C4 NAG G . -8.89 -26.16 -6.76
C5 NAG G . -8.93 -25.33 -8.03
C6 NAG G . -8.96 -26.36 -9.17
C7 NAG G . -11.02 -22.97 -3.80
C8 NAG G . -10.68 -22.07 -2.66
N2 NAG G . -9.99 -23.33 -4.55
O3 NAG G . -8.96 -25.94 -4.40
O4 NAG G . -7.74 -27.04 -6.76
O5 NAG G . -10.06 -24.42 -8.05
O6 NAG G . -9.59 -25.77 -10.29
O7 NAG G . -12.16 -23.32 -4.04
C1 EDO H . -34.31 10.74 20.37
O1 EDO H . -33.55 11.75 20.99
C2 EDO H . -35.19 11.25 19.31
O2 EDO H . -36.23 12.05 19.86
CA CA I . -5.99 -16.30 16.90
#